data_7EFP
#
_entry.id   7EFP
#
_cell.length_a   139.596
_cell.length_b   139.596
_cell.length_c   155.645
_cell.angle_alpha   90.000
_cell.angle_beta   90.000
_cell.angle_gamma   90.000
#
_symmetry.space_group_name_H-M   'P 43 21 2'
#
loop_
_entity.id
_entity.type
_entity.pdbx_description
1 polymer 'Processed angiotensin-converting enzyme 2'
2 polymer 'Spike glycoprotein'
3 non-polymer 2-acetamido-2-deoxy-beta-D-glucopyranose
4 water water
#
loop_
_entity_poly.entity_id
_entity_poly.type
_entity_poly.pdbx_seq_one_letter_code
_entity_poly.pdbx_strand_id
1 'polypeptide(L)'
;ADWTIEEQAKTFLDKFNHEAEDLFYQSSLASWNYNTNITEENVQNMNNAGDKWSAFLKEQSTLAQMYPLQEIQNLTVKLQ
LQALQQNGSSVLSEDKSKRLNTILNTMSTIYSTGKVCNPDNPQECLLLEPGLNEIMANSLDYNERLWAWESWRSEVGKQL
RPLYEEYVVLKNEMARANHYEDYGDYWRGDYEVNGVDGYDYSRGQLIEDVEHTFEEIKPLYEHLHAYVRAKLMNAYPSYI
SPIGCLPAHLLGDMWGRFWTNLYSLTVPFGQKPNIDVTDAMVDQAWDAQRIFKEAEKFFVSVGLPNMTQGFWEYSMLTDP
GNVQKAVCHPTAWDLGKGDFRILMCTKVTMDDFLTAHHEMGHIQYDMAYAAQPFLLRNGANEGFHEAVGEIMSLSAATPK
HLKSIGLLSPDFQEDNETEINFLLKQALTIVGTLPFTYMLEKWRWMVFKGEIPKDQWMKKWWEMKREIVGVVEPVPHDET
YCDPASLFHVSNDYSFIRYYTRTLYQFQFQEALCQAAKHEGPLHKCDISNSTEAGQKLFNMLRLGKSEPWTLALENVVGA
KNMNVRPLLNYFEPLFTWLKDQNKNSFVGWSTDWSPYAD
;
A
2 'polypeptide(L)'
;VQPTESIVRFPNITNLCPFGEVFNATRFASVYAWNRKRISNCVADYSVLYNSASFSTFKCYGVSPTKLNDLCFTNVYADS
FVIRGDEVRQIAPGQTGKIADYNYKLPDDFTGCVIAWNSNNLDSKVGGNYNYLYRLFRKSNLKPFERDISTEIYQAGSTP
CNGVEGFNCYFPLQSYGFQPTNGVGYQPYRVVVLSFELLHAPATVCGPKKSTNLVKNK
;
B
#
# COMPACT_ATOMS: atom_id res chain seq x y z
N TRP A 3 1.75 27.89 -25.23
CA TRP A 3 1.12 27.71 -23.91
C TRP A 3 -0.39 27.46 -24.00
N THR A 4 -0.73 26.26 -24.46
CA THR A 4 -2.10 25.79 -24.43
C THR A 4 -2.54 25.55 -22.97
N ILE A 5 -3.85 25.36 -22.78
CA ILE A 5 -4.32 25.00 -21.44
C ILE A 5 -3.65 23.72 -20.97
N GLU A 6 -3.61 22.69 -21.84
CA GLU A 6 -2.94 21.44 -21.49
C GLU A 6 -1.52 21.71 -20.99
N GLU A 7 -0.78 22.56 -21.70
CA GLU A 7 0.60 22.86 -21.33
C GLU A 7 0.66 23.59 -20.00
N GLN A 8 -0.28 24.52 -19.75
CA GLN A 8 -0.35 25.19 -18.46
C GLN A 8 -0.71 24.20 -17.34
N ALA A 9 -1.57 23.23 -17.63
CA ALA A 9 -1.92 22.25 -16.60
C ALA A 9 -0.75 21.31 -16.32
N LYS A 10 -0.05 20.87 -17.37
CA LYS A 10 1.18 20.10 -17.20
C LYS A 10 2.14 20.79 -16.23
N THR A 11 2.37 22.10 -16.43
CA THR A 11 3.28 22.81 -15.55
C THR A 11 2.73 22.88 -14.12
N PHE A 12 1.47 23.28 -13.98
CA PHE A 12 0.81 23.30 -12.68
C PHE A 12 1.01 21.98 -11.93
N LEU A 13 0.83 20.86 -12.63
CA LEU A 13 1.00 19.57 -11.98
C LEU A 13 2.47 19.32 -11.63
N ASP A 14 3.38 19.81 -12.47
CA ASP A 14 4.80 19.77 -12.16
C ASP A 14 5.06 20.43 -10.80
N LYS A 15 4.51 21.65 -10.61
CA LYS A 15 4.57 22.32 -9.31
C LYS A 15 4.01 21.44 -8.22
N PHE A 16 2.82 20.89 -8.46
CA PHE A 16 2.09 20.14 -7.44
C PHE A 16 2.89 18.94 -6.97
N ASN A 17 3.38 18.14 -7.91
CA ASN A 17 4.10 16.93 -7.52
C ASN A 17 5.25 17.24 -6.58
N HIS A 18 5.96 18.34 -6.82
CA HIS A 18 7.13 18.64 -6.03
C HIS A 18 6.75 19.21 -4.67
N GLU A 19 5.74 20.08 -4.63
CA GLU A 19 5.23 20.56 -3.34
C GLU A 19 4.60 19.41 -2.54
N ALA A 20 3.92 18.50 -3.23
CA ALA A 20 3.11 17.51 -2.51
C ALA A 20 3.98 16.49 -1.79
N GLU A 21 5.16 16.18 -2.34
CA GLU A 21 5.92 15.04 -1.87
C GLU A 21 6.27 15.17 -0.39
N ASP A 22 6.71 16.33 0.05
CA ASP A 22 7.11 16.46 1.45
C ASP A 22 5.89 16.52 2.36
N LEU A 23 4.89 17.33 2.03
CA LEU A 23 3.71 17.39 2.89
C LEU A 23 3.10 16.02 3.10
N PHE A 24 2.97 15.23 2.02
CA PHE A 24 2.44 13.88 2.18
C PHE A 24 3.34 13.03 3.07
N TYR A 25 4.66 13.07 2.83
CA TYR A 25 5.57 12.24 3.61
C TYR A 25 5.50 12.58 5.10
N GLN A 26 5.32 13.86 5.43
CA GLN A 26 5.27 14.22 6.83
C GLN A 26 3.98 13.74 7.48
N SER A 27 2.88 13.78 6.74
CA SER A 27 1.65 13.15 7.23
C SER A 27 1.83 11.64 7.40
N SER A 28 2.44 10.97 6.42
CA SER A 28 2.68 9.54 6.58
C SER A 28 3.46 9.24 7.85
N LEU A 29 4.61 9.92 8.05
CA LEU A 29 5.41 9.68 9.25
C LEU A 29 4.59 9.90 10.52
N ALA A 30 3.88 11.02 10.62
CA ALA A 30 3.02 11.24 11.77
C ALA A 30 2.06 10.06 12.00
N SER A 31 1.38 9.59 10.93
CA SER A 31 0.51 8.43 11.11
C SER A 31 1.29 7.22 11.59
N TRP A 32 2.48 7.00 11.02
CA TRP A 32 3.28 5.84 11.42
C TRP A 32 3.55 5.84 12.91
N ASN A 33 3.88 7.01 13.47
CA ASN A 33 4.18 7.05 14.90
C ASN A 33 2.94 6.65 15.69
N TYR A 34 1.78 7.23 15.32
CA TYR A 34 0.55 6.90 16.01
C TYR A 34 0.25 5.41 15.94
N ASN A 35 0.34 4.81 14.73
CA ASN A 35 -0.05 3.41 14.61
C ASN A 35 0.93 2.46 15.25
N THR A 36 2.16 2.91 15.50
CA THR A 36 3.14 2.10 16.19
C THR A 36 3.29 2.48 17.66
N ASN A 37 2.71 3.59 18.07
CA ASN A 37 2.91 4.15 19.40
C ASN A 37 1.76 5.11 19.70
N ILE A 38 0.63 4.57 20.15
CA ILE A 38 -0.57 5.38 20.39
C ILE A 38 -0.39 6.19 21.67
N THR A 39 -0.46 7.51 21.55
CA THR A 39 -0.35 8.46 22.64
C THR A 39 -1.08 9.72 22.23
N GLU A 40 -1.49 10.51 23.21
CA GLU A 40 -2.12 11.79 22.86
C GLU A 40 -1.15 12.68 22.09
N GLU A 41 0.12 12.69 22.47
CA GLU A 41 1.07 13.54 21.74
C GLU A 41 1.15 13.11 20.27
N ASN A 42 1.15 11.80 20.00
CA ASN A 42 1.20 11.33 18.62
C ASN A 42 -0.13 11.51 17.90
N VAL A 43 -1.25 11.52 18.63
CA VAL A 43 -2.52 11.88 18.02
C VAL A 43 -2.49 13.34 17.59
N GLN A 44 -2.01 14.22 18.47
CA GLN A 44 -1.92 15.63 18.09
C GLN A 44 -1.00 15.84 16.88
N ASN A 45 0.16 15.18 16.85
CA ASN A 45 1.04 15.40 15.71
C ASN A 45 0.44 14.86 14.42
N MET A 46 -0.24 13.72 14.50
CA MET A 46 -0.94 13.20 13.34
C MET A 46 -2.01 14.18 12.87
N ASN A 47 -2.81 14.69 13.81
CA ASN A 47 -3.82 15.68 13.42
C ASN A 47 -3.18 16.92 12.78
N ASN A 48 -2.03 17.39 13.30
CA ASN A 48 -1.41 18.58 12.73
C ASN A 48 -0.88 18.32 11.33
N ALA A 49 -0.25 17.18 11.11
CA ALA A 49 0.33 16.89 9.80
C ALA A 49 -0.76 16.66 8.76
N GLY A 50 -1.87 15.99 9.15
CA GLY A 50 -2.99 15.81 8.26
C GLY A 50 -3.71 17.11 7.93
N ASP A 51 -3.78 18.04 8.88
CA ASP A 51 -4.35 19.36 8.58
C ASP A 51 -3.51 20.09 7.54
N LYS A 52 -2.20 20.16 7.78
CA LYS A 52 -1.31 20.75 6.79
C LYS A 52 -1.58 20.15 5.43
N TRP A 53 -1.54 18.81 5.34
CA TRP A 53 -1.73 18.16 4.06
C TRP A 53 -3.06 18.58 3.43
N SER A 54 -4.15 18.57 4.21
CA SER A 54 -5.48 18.87 3.69
C SER A 54 -5.62 20.33 3.26
N ALA A 55 -5.05 21.27 4.03
CA ALA A 55 -5.05 22.66 3.60
C ALA A 55 -4.24 22.83 2.33
N PHE A 56 -3.15 22.09 2.19
CA PHE A 56 -2.40 22.14 0.95
C PHE A 56 -3.25 21.63 -0.21
N LEU A 57 -3.90 20.48 0.00
CA LEU A 57 -4.75 19.89 -1.02
C LEU A 57 -5.87 20.84 -1.42
N LYS A 58 -6.48 21.53 -0.44
CA LYS A 58 -7.60 22.43 -0.72
C LYS A 58 -7.16 23.54 -1.66
N GLU A 59 -6.13 24.29 -1.28
CA GLU A 59 -5.58 25.32 -2.15
C GLU A 59 -5.28 24.76 -3.55
N GLN A 60 -4.68 23.57 -3.61
CA GLN A 60 -4.23 23.02 -4.89
C GLN A 60 -5.42 22.63 -5.76
N SER A 61 -6.44 22.01 -5.16
CA SER A 61 -7.59 21.61 -5.94
C SER A 61 -8.32 22.81 -6.51
N THR A 62 -8.54 23.86 -5.73
CA THR A 62 -9.26 24.98 -6.31
C THR A 62 -8.51 25.54 -7.51
N LEU A 63 -7.18 25.47 -7.50
CA LEU A 63 -6.43 25.91 -8.68
C LEU A 63 -6.61 24.93 -9.84
N ALA A 64 -6.47 23.62 -9.57
CA ALA A 64 -6.63 22.62 -10.61
C ALA A 64 -7.95 22.76 -11.36
N GLN A 65 -9.03 23.08 -10.65
CA GLN A 65 -10.33 23.23 -11.30
C GLN A 65 -10.44 24.49 -12.15
N MET A 66 -9.38 25.31 -12.20
CA MET A 66 -9.35 26.45 -13.11
C MET A 66 -8.82 26.08 -14.49
N TYR A 67 -8.43 24.81 -14.70
CA TYR A 67 -8.05 24.27 -16.00
C TYR A 67 -9.20 23.41 -16.50
N PRO A 68 -10.04 23.91 -17.40
CA PRO A 68 -11.16 23.09 -17.91
C PRO A 68 -10.67 21.80 -18.55
N LEU A 69 -11.18 20.67 -18.06
CA LEU A 69 -10.81 19.40 -18.68
C LEU A 69 -11.28 19.30 -20.13
N GLN A 70 -12.24 20.12 -20.55
CA GLN A 70 -12.76 20.01 -21.90
C GLN A 70 -11.68 20.30 -22.94
N GLU A 71 -10.67 21.10 -22.58
CA GLU A 71 -9.57 21.48 -23.46
C GLU A 71 -8.31 20.65 -23.23
N ILE A 72 -8.45 19.37 -22.88
CA ILE A 72 -7.30 18.55 -22.48
C ILE A 72 -7.38 17.21 -23.18
N GLN A 73 -6.42 16.94 -24.06
CA GLN A 73 -6.40 15.68 -24.81
C GLN A 73 -5.53 14.61 -24.16
N ASN A 74 -4.44 14.99 -23.51
CA ASN A 74 -3.58 14.01 -22.87
C ASN A 74 -4.37 13.24 -21.83
N LEU A 75 -4.50 11.92 -22.01
CA LEU A 75 -5.25 11.11 -21.06
C LEU A 75 -4.65 11.20 -19.67
N THR A 76 -3.34 10.97 -19.55
CA THR A 76 -2.74 10.93 -18.22
C THR A 76 -2.76 12.31 -17.56
N VAL A 77 -2.77 13.39 -18.33
CA VAL A 77 -2.95 14.71 -17.72
C VAL A 77 -4.37 14.84 -17.18
N LYS A 78 -5.35 14.54 -18.02
CA LYS A 78 -6.75 14.59 -17.62
C LYS A 78 -6.99 13.79 -16.34
N LEU A 79 -6.35 12.63 -16.20
CA LEU A 79 -6.55 11.81 -15.00
C LEU A 79 -6.03 12.47 -13.74
N GLN A 80 -4.94 13.24 -13.84
CA GLN A 80 -4.43 13.88 -12.63
C GLN A 80 -5.34 15.01 -12.19
N LEU A 81 -5.75 15.87 -13.13
CA LEU A 81 -6.69 16.92 -12.74
C LEU A 81 -8.05 16.38 -12.33
N GLN A 82 -8.42 15.17 -12.76
CA GLN A 82 -9.66 14.58 -12.28
C GLN A 82 -9.57 14.24 -10.79
N ALA A 83 -8.38 13.91 -10.29
CA ALA A 83 -8.24 13.60 -8.86
C ALA A 83 -8.27 14.85 -7.99
N LEU A 84 -8.09 16.04 -8.56
CA LEU A 84 -8.20 17.29 -7.83
C LEU A 84 -9.51 18.02 -8.13
N GLN A 85 -10.49 17.31 -8.68
CA GLN A 85 -11.74 17.95 -9.10
C GLN A 85 -12.64 18.25 -7.91
N GLN A 86 -12.45 17.52 -6.80
CA GLN A 86 -13.20 17.78 -5.58
C GLN A 86 -12.24 18.25 -4.48
N ASN A 87 -12.76 19.11 -3.61
CA ASN A 87 -11.93 19.78 -2.61
C ASN A 87 -11.54 18.87 -1.44
N GLY A 88 -12.17 17.71 -1.28
CA GLY A 88 -11.78 16.74 -0.28
C GLY A 88 -12.38 16.92 1.10
N SER A 89 -11.56 16.69 2.13
CA SER A 89 -11.99 16.68 3.53
C SER A 89 -12.09 18.08 4.15
N SER A 90 -11.58 19.11 3.49
CA SER A 90 -11.55 20.45 4.03
C SER A 90 -12.79 21.25 3.67
N VAL A 91 -13.80 20.61 3.10
CA VAL A 91 -15.09 21.22 2.85
C VAL A 91 -15.97 21.12 4.11
N LEU A 92 -15.35 20.73 5.23
CA LEU A 92 -16.00 20.75 6.53
C LEU A 92 -15.47 21.91 7.36
N SER A 93 -16.35 22.63 8.04
CA SER A 93 -15.96 23.68 8.98
C SER A 93 -14.83 23.23 9.89
N GLU A 94 -14.15 24.18 10.55
CA GLU A 94 -13.07 23.79 11.45
C GLU A 94 -13.61 22.95 12.62
N ASP A 95 -14.73 23.38 13.21
CA ASP A 95 -15.30 22.59 14.31
C ASP A 95 -15.64 21.18 13.84
N LYS A 96 -16.43 21.08 12.77
CA LYS A 96 -16.81 19.76 12.27
C LYS A 96 -15.58 18.94 11.88
N SER A 97 -14.56 19.57 11.30
CA SER A 97 -13.40 18.80 10.92
C SER A 97 -12.63 18.32 12.15
N LYS A 98 -12.50 19.16 13.19
CA LYS A 98 -11.83 18.71 14.39
C LYS A 98 -12.67 17.67 15.12
N ARG A 99 -13.99 17.83 15.09
CA ARG A 99 -14.87 16.81 15.63
C ARG A 99 -14.71 15.48 14.89
N LEU A 100 -14.68 15.52 13.54
CA LEU A 100 -14.53 14.27 12.79
C LEU A 100 -13.21 13.57 13.13
N ASN A 101 -12.12 14.32 13.20
CA ASN A 101 -10.85 13.72 13.58
C ASN A 101 -10.93 13.13 14.98
N THR A 102 -11.48 13.88 15.94
CA THR A 102 -11.63 13.30 17.27
C THR A 102 -12.32 11.95 17.19
N ILE A 103 -13.41 11.89 16.43
CA ILE A 103 -14.17 10.66 16.32
C ILE A 103 -13.32 9.57 15.69
N LEU A 104 -12.55 9.92 14.66
CA LEU A 104 -11.80 8.87 13.98
C LEU A 104 -10.69 8.35 14.89
N ASN A 105 -9.97 9.26 15.55
CA ASN A 105 -8.90 8.84 16.47
C ASN A 105 -9.45 8.03 17.63
N THR A 106 -10.57 8.45 18.21
CA THR A 106 -11.13 7.72 19.34
C THR A 106 -11.53 6.29 18.96
N MET A 107 -12.16 6.13 17.80
CA MET A 107 -12.55 4.78 17.37
C MET A 107 -11.33 3.91 17.13
N SER A 108 -10.34 4.44 16.40
CA SER A 108 -9.14 3.66 16.13
C SER A 108 -8.40 3.34 17.42
N THR A 109 -8.30 4.31 18.34
CA THR A 109 -7.67 4.05 19.64
C THR A 109 -8.46 2.99 20.42
N ILE A 110 -9.78 3.19 20.55
CA ILE A 110 -10.58 2.19 21.25
C ILE A 110 -10.36 0.80 20.64
N TYR A 111 -10.29 0.73 19.30
CA TYR A 111 -10.25 -0.57 18.65
C TYR A 111 -8.98 -1.33 18.97
N SER A 112 -7.81 -0.69 18.87
CA SER A 112 -6.54 -1.36 19.13
C SER A 112 -6.04 -1.22 20.55
N THR A 113 -6.82 -0.60 21.44
CA THR A 113 -6.43 -0.41 22.82
C THR A 113 -7.44 -0.95 23.83
N GLY A 114 -8.70 -1.14 23.45
CA GLY A 114 -9.70 -1.56 24.41
C GLY A 114 -9.48 -2.99 24.90
N LYS A 115 -9.75 -3.18 26.19
CA LYS A 115 -9.58 -4.47 26.87
C LYS A 115 -10.91 -4.91 27.48
N VAL A 116 -11.12 -6.22 27.54
CA VAL A 116 -12.17 -6.81 28.35
C VAL A 116 -11.48 -7.66 29.40
N CYS A 117 -11.96 -7.60 30.62
CA CYS A 117 -11.34 -8.36 31.69
C CYS A 117 -12.14 -9.66 31.91
N ASN A 118 -11.42 -10.71 32.32
CA ASN A 118 -12.08 -11.99 32.59
C ASN A 118 -12.99 -11.86 33.80
N PRO A 119 -14.14 -12.56 33.80
CA PRO A 119 -15.04 -12.42 34.96
C PRO A 119 -14.54 -13.16 36.19
N ASP A 120 -13.94 -14.34 36.02
CA ASP A 120 -13.34 -15.05 37.15
C ASP A 120 -12.15 -14.27 37.71
N ASN A 121 -11.40 -13.58 36.87
CA ASN A 121 -10.24 -12.78 37.27
C ASN A 121 -10.50 -11.30 36.97
N PRO A 122 -10.90 -10.48 37.97
CA PRO A 122 -11.22 -9.07 37.68
C PRO A 122 -10.00 -8.21 37.34
N GLN A 123 -8.90 -8.81 36.91
CA GLN A 123 -7.78 -8.00 36.44
C GLN A 123 -6.79 -8.82 35.61
N GLU A 124 -7.26 -9.93 35.02
CA GLU A 124 -6.54 -10.62 33.95
C GLU A 124 -7.14 -10.18 32.62
N CYS A 125 -6.75 -8.97 32.20
CA CYS A 125 -7.38 -8.29 31.07
C CYS A 125 -6.81 -8.84 29.75
N LEU A 126 -7.60 -8.71 28.69
CA LEU A 126 -7.24 -9.22 27.37
C LEU A 126 -7.55 -8.16 26.32
N LEU A 127 -6.60 -7.91 25.43
CA LEU A 127 -6.85 -7.10 24.24
C LEU A 127 -7.46 -7.96 23.13
N LEU A 128 -8.03 -7.30 22.13
CA LEU A 128 -8.49 -8.05 20.95
C LEU A 128 -7.35 -8.83 20.33
N GLU A 129 -6.22 -8.17 20.09
CA GLU A 129 -5.03 -8.79 19.50
C GLU A 129 -3.90 -8.66 20.51
N PRO A 130 -3.36 -9.76 21.04
CA PRO A 130 -3.63 -11.17 20.69
C PRO A 130 -4.74 -11.90 21.46
N GLY A 131 -5.06 -11.44 22.68
CA GLY A 131 -5.76 -12.30 23.64
C GLY A 131 -7.11 -12.81 23.13
N LEU A 132 -7.94 -11.91 22.62
CA LEU A 132 -9.25 -12.35 22.17
C LEU A 132 -9.16 -13.11 20.85
N ASN A 133 -8.36 -12.62 19.92
CA ASN A 133 -8.20 -13.31 18.64
C ASN A 133 -7.75 -14.75 18.85
N GLU A 134 -6.87 -15.00 19.83
CA GLU A 134 -6.40 -16.37 20.05
C GLU A 134 -7.57 -17.28 20.48
N ILE A 135 -8.37 -16.82 21.46
CA ILE A 135 -9.58 -17.57 21.86
C ILE A 135 -10.46 -17.87 20.64
N MET A 136 -10.65 -16.86 19.77
CA MET A 136 -11.56 -16.97 18.65
C MET A 136 -11.00 -17.81 17.52
N ALA A 137 -9.71 -18.14 17.55
CA ALA A 137 -9.11 -18.96 16.50
C ALA A 137 -8.83 -20.38 16.93
N ASN A 138 -8.75 -20.65 18.23
CA ASN A 138 -8.27 -21.93 18.72
C ASN A 138 -9.19 -22.62 19.70
N SER A 139 -10.15 -21.89 20.30
CA SER A 139 -10.97 -22.48 21.35
C SER A 139 -12.06 -23.34 20.74
N LEU A 140 -12.32 -24.48 21.37
CA LEU A 140 -13.38 -25.41 21.00
C LEU A 140 -14.51 -25.43 22.04
N ASP A 141 -14.61 -24.39 22.86
CA ASP A 141 -15.57 -24.28 23.96
C ASP A 141 -16.63 -23.23 23.61
N TYR A 142 -17.85 -23.67 23.34
CA TYR A 142 -18.97 -22.75 23.12
C TYR A 142 -18.97 -21.55 24.07
N ASN A 143 -18.82 -21.79 25.38
CA ASN A 143 -19.00 -20.70 26.34
C ASN A 143 -17.81 -19.75 26.37
N GLU A 144 -16.58 -20.26 26.17
CA GLU A 144 -15.44 -19.35 26.08
C GLU A 144 -15.55 -18.47 24.83
N ARG A 145 -15.81 -19.08 23.67
CA ARG A 145 -16.00 -18.31 22.44
C ARG A 145 -17.18 -17.33 22.57
N LEU A 146 -18.31 -17.78 23.15
CA LEU A 146 -19.42 -16.86 23.37
C LEU A 146 -19.00 -15.69 24.26
N TRP A 147 -18.18 -15.96 25.29
CA TRP A 147 -17.75 -14.88 26.16
C TRP A 147 -16.91 -13.86 25.40
N ALA A 148 -15.90 -14.32 24.64
CA ALA A 148 -15.03 -13.39 23.93
C ALA A 148 -15.80 -12.61 22.88
N TRP A 149 -16.65 -13.32 22.11
CA TRP A 149 -17.46 -12.66 21.08
C TRP A 149 -18.42 -11.63 21.67
N GLU A 150 -19.06 -11.95 22.81
CA GLU A 150 -20.00 -11.02 23.44
C GLU A 150 -19.30 -9.91 24.21
N SER A 151 -18.18 -10.20 24.88
CA SER A 151 -17.52 -9.16 25.65
C SER A 151 -17.01 -8.05 24.75
N TRP A 152 -16.36 -8.42 23.66
CA TRP A 152 -15.86 -7.43 22.71
C TRP A 152 -16.98 -6.50 22.28
N ARG A 153 -18.11 -7.07 21.85
CA ARG A 153 -19.17 -6.23 21.31
C ARG A 153 -19.90 -5.46 22.40
N SER A 154 -20.03 -6.04 23.59
CA SER A 154 -20.75 -5.38 24.67
C SER A 154 -19.95 -4.22 25.25
N GLU A 155 -18.70 -4.48 25.64
CA GLU A 155 -17.92 -3.50 26.41
C GLU A 155 -17.10 -2.55 25.54
N VAL A 156 -16.84 -2.89 24.28
CA VAL A 156 -16.12 -2.01 23.37
C VAL A 156 -17.03 -1.50 22.25
N GLY A 157 -17.74 -2.40 21.58
CA GLY A 157 -18.62 -1.95 20.51
C GLY A 157 -19.65 -0.93 20.97
N LYS A 158 -20.10 -1.04 22.22
CA LYS A 158 -21.03 -0.04 22.72
C LYS A 158 -20.39 1.34 22.84
N GLN A 159 -19.09 1.40 23.17
CA GLN A 159 -18.42 2.69 23.19
C GLN A 159 -18.44 3.34 21.81
N LEU A 160 -18.37 2.51 20.78
CA LEU A 160 -18.27 3.00 19.41
C LEU A 160 -19.60 3.47 18.85
N ARG A 161 -20.73 2.97 19.37
CA ARG A 161 -22.06 3.21 18.81
C ARG A 161 -22.33 4.71 18.61
N PRO A 162 -22.28 5.54 19.65
CA PRO A 162 -22.57 6.96 19.44
C PRO A 162 -21.54 7.66 18.59
N LEU A 163 -20.26 7.24 18.66
CA LEU A 163 -19.26 7.82 17.78
C LEU A 163 -19.58 7.51 16.33
N TYR A 164 -19.88 6.25 16.02
CA TYR A 164 -20.19 5.87 14.65
C TYR A 164 -21.36 6.68 14.11
N GLU A 165 -22.34 6.98 14.95
CA GLU A 165 -23.52 7.70 14.49
C GLU A 165 -23.12 9.06 13.95
N GLU A 166 -22.30 9.80 14.70
CA GLU A 166 -21.91 11.13 14.26
C GLU A 166 -20.89 11.07 13.12
N TYR A 167 -20.05 10.04 13.10
CA TYR A 167 -19.19 9.79 11.95
C TYR A 167 -19.99 9.69 10.65
N VAL A 168 -21.11 8.97 10.67
CA VAL A 168 -21.97 8.87 9.49
C VAL A 168 -22.47 10.25 9.10
N VAL A 169 -22.97 11.01 10.07
CA VAL A 169 -23.53 12.32 9.76
C VAL A 169 -22.46 13.19 9.12
N LEU A 170 -21.30 13.28 9.76
CA LEU A 170 -20.23 14.15 9.26
C LEU A 170 -19.69 13.67 7.92
N LYS A 171 -19.43 12.36 7.78
CA LYS A 171 -18.89 11.85 6.52
C LYS A 171 -19.86 12.06 5.36
N ASN A 172 -21.16 11.93 5.61
CA ASN A 172 -22.13 12.17 4.55
C ASN A 172 -22.13 13.64 4.12
N GLU A 173 -22.01 14.56 5.07
CA GLU A 173 -21.87 15.96 4.72
C GLU A 173 -20.61 16.20 3.89
N MET A 174 -19.49 15.63 4.32
CA MET A 174 -18.30 15.73 3.50
C MET A 174 -18.61 15.25 2.09
N ALA A 175 -19.30 14.11 1.99
CA ALA A 175 -19.56 13.52 0.67
C ALA A 175 -20.54 14.34 -0.13
N ARG A 176 -21.57 14.88 0.53
CA ARG A 176 -22.52 15.72 -0.17
C ARG A 176 -21.84 16.99 -0.68
N ALA A 177 -20.85 17.50 0.07
CA ALA A 177 -20.17 18.72 -0.37
C ALA A 177 -19.26 18.46 -1.55
N ASN A 178 -18.73 17.24 -1.68
CA ASN A 178 -18.00 16.78 -2.85
C ASN A 178 -18.92 16.28 -3.98
N HIS A 179 -20.21 16.62 -3.97
CA HIS A 179 -21.10 16.34 -5.10
C HIS A 179 -21.33 14.84 -5.29
N TYR A 180 -21.27 14.08 -4.21
CA TYR A 180 -21.75 12.71 -4.16
C TYR A 180 -23.08 12.67 -3.40
N GLU A 181 -23.76 11.53 -3.49
CA GLU A 181 -25.04 11.37 -2.78
C GLU A 181 -24.83 11.14 -1.28
N ASP A 182 -23.81 10.37 -0.92
CA ASP A 182 -23.49 10.03 0.46
C ASP A 182 -22.09 9.43 0.49
N TYR A 183 -21.58 9.22 1.69
CA TYR A 183 -20.24 8.65 1.83
C TYR A 183 -20.12 7.37 1.00
N GLY A 184 -21.17 6.55 1.00
CA GLY A 184 -21.07 5.26 0.31
C GLY A 184 -20.91 5.43 -1.19
N ASP A 185 -21.69 6.33 -1.79
CA ASP A 185 -21.46 6.73 -3.18
C ASP A 185 -20.03 7.25 -3.36
N TYR A 186 -19.58 8.14 -2.47
CA TYR A 186 -18.21 8.64 -2.56
C TYR A 186 -17.22 7.49 -2.63
N TRP A 187 -17.33 6.52 -1.72
CA TRP A 187 -16.41 5.37 -1.74
C TRP A 187 -16.47 4.65 -3.07
N ARG A 188 -17.68 4.41 -3.58
CA ARG A 188 -17.82 3.64 -4.81
C ARG A 188 -17.18 4.35 -6.00
N GLY A 189 -16.90 5.66 -5.88
CA GLY A 189 -16.25 6.41 -6.95
C GLY A 189 -14.86 5.89 -7.29
N ASP A 190 -14.20 5.23 -6.35
CA ASP A 190 -12.93 4.58 -6.64
C ASP A 190 -12.96 3.79 -7.95
N TYR A 191 -14.14 3.27 -8.34
CA TYR A 191 -14.29 2.47 -9.56
C TYR A 191 -14.81 3.27 -10.76
N GLU A 192 -15.03 4.57 -10.62
CA GLU A 192 -15.58 5.36 -11.72
C GLU A 192 -14.53 5.62 -12.82
N VAL A 193 -14.98 5.54 -14.08
CA VAL A 193 -14.15 5.87 -15.24
C VAL A 193 -14.99 6.67 -16.22
N ASN A 194 -14.44 7.80 -16.69
CA ASN A 194 -15.30 8.77 -17.37
C ASN A 194 -14.91 9.19 -18.79
N GLY A 195 -13.65 9.58 -19.01
CA GLY A 195 -13.30 10.16 -20.30
C GLY A 195 -13.16 9.18 -21.45
N VAL A 196 -13.01 7.89 -21.16
CA VAL A 196 -12.54 6.90 -22.14
C VAL A 196 -13.74 6.14 -22.72
N ASP A 197 -13.84 6.13 -24.04
CA ASP A 197 -14.98 5.50 -24.72
C ASP A 197 -14.81 3.99 -24.75
N GLY A 198 -15.92 3.28 -24.54
CA GLY A 198 -15.87 1.84 -24.47
C GLY A 198 -15.10 1.29 -23.28
N TYR A 199 -14.67 2.16 -22.35
CA TYR A 199 -14.05 1.73 -21.11
C TYR A 199 -14.65 2.44 -19.89
N ASP A 200 -15.72 3.20 -20.08
CA ASP A 200 -16.34 3.90 -18.98
C ASP A 200 -16.94 2.90 -17.98
N TYR A 201 -17.07 3.37 -16.74
CA TYR A 201 -17.67 2.59 -15.66
C TYR A 201 -18.29 3.56 -14.66
N SER A 202 -19.59 3.43 -14.41
CA SER A 202 -20.28 4.30 -13.48
C SER A 202 -20.37 3.70 -12.07
N ARG A 203 -20.59 4.59 -11.08
CA ARG A 203 -20.67 4.12 -9.69
C ARG A 203 -21.89 3.24 -9.47
N GLY A 204 -22.94 3.40 -10.26
CA GLY A 204 -24.08 2.53 -10.14
C GLY A 204 -23.83 1.14 -10.69
N GLN A 205 -22.93 1.03 -11.68
CA GLN A 205 -22.65 -0.29 -12.24
C GLN A 205 -21.93 -1.19 -11.23
N LEU A 206 -21.14 -0.62 -10.32
CA LEU A 206 -20.51 -1.44 -9.29
C LEU A 206 -21.56 -2.24 -8.51
N ILE A 207 -22.56 -1.55 -7.93
CA ILE A 207 -23.59 -2.25 -7.16
C ILE A 207 -24.21 -3.37 -8.00
N GLU A 208 -24.61 -3.05 -9.23
CA GLU A 208 -25.20 -4.06 -10.09
C GLU A 208 -24.25 -5.23 -10.29
N ASP A 209 -22.99 -4.95 -10.68
CA ASP A 209 -22.04 -6.03 -10.97
C ASP A 209 -21.73 -6.87 -9.73
N VAL A 210 -21.79 -6.28 -8.54
CA VAL A 210 -21.52 -7.05 -7.33
C VAL A 210 -22.70 -7.94 -7.00
N GLU A 211 -23.93 -7.39 -7.08
CA GLU A 211 -25.12 -8.22 -6.83
C GLU A 211 -25.24 -9.32 -7.87
N HIS A 212 -25.08 -8.97 -9.15
CA HIS A 212 -25.25 -9.94 -10.22
C HIS A 212 -24.21 -11.05 -10.11
N THR A 213 -22.96 -10.67 -9.87
CA THR A 213 -21.88 -11.63 -9.70
C THR A 213 -22.09 -12.49 -8.45
N PHE A 214 -22.59 -11.89 -7.36
CA PHE A 214 -22.84 -12.64 -6.13
C PHE A 214 -23.90 -13.72 -6.32
N GLU A 215 -24.84 -13.53 -7.26
CA GLU A 215 -25.88 -14.55 -7.46
C GLU A 215 -25.26 -15.89 -7.88
N GLU A 216 -24.19 -15.85 -8.67
CA GLU A 216 -23.49 -17.04 -9.14
C GLU A 216 -22.58 -17.67 -8.10
N ILE A 217 -22.30 -16.98 -7.00
CA ILE A 217 -21.50 -17.56 -5.94
C ILE A 217 -22.34 -18.28 -4.91
N LYS A 218 -23.63 -17.99 -4.86
CA LYS A 218 -24.48 -18.57 -3.82
C LYS A 218 -24.42 -20.09 -3.79
N PRO A 219 -24.61 -20.81 -4.90
CA PRO A 219 -24.62 -22.28 -4.78
C PRO A 219 -23.35 -22.84 -4.17
N LEU A 220 -22.17 -22.45 -4.65
CA LEU A 220 -20.94 -22.85 -3.99
C LEU A 220 -20.98 -22.54 -2.50
N TYR A 221 -21.46 -21.34 -2.13
CA TYR A 221 -21.45 -20.98 -0.72
C TYR A 221 -22.49 -21.78 0.05
N GLU A 222 -23.69 -21.92 -0.51
CA GLU A 222 -24.72 -22.74 0.13
C GLU A 222 -24.16 -24.10 0.51
N HIS A 223 -23.43 -24.72 -0.41
CA HIS A 223 -22.94 -26.06 -0.12
C HIS A 223 -21.74 -26.06 0.80
N LEU A 224 -20.87 -25.06 0.73
CA LEU A 224 -19.81 -24.99 1.72
C LEU A 224 -20.39 -24.75 3.09
N HIS A 225 -21.36 -23.83 3.17
CA HIS A 225 -22.13 -23.60 4.39
C HIS A 225 -22.67 -24.91 4.94
N ALA A 226 -23.45 -25.63 4.13
CA ALA A 226 -24.07 -26.86 4.63
C ALA A 226 -23.03 -27.88 5.08
N TYR A 227 -21.85 -27.91 4.45
CA TYR A 227 -20.87 -28.92 4.83
C TYR A 227 -20.20 -28.58 6.15
N VAL A 228 -19.83 -27.32 6.39
CA VAL A 228 -19.26 -27.02 7.70
C VAL A 228 -20.33 -27.16 8.80
N ARG A 229 -21.57 -26.79 8.49
CA ARG A 229 -22.60 -26.84 9.52
C ARG A 229 -22.84 -28.26 9.99
N ALA A 230 -22.77 -29.22 9.09
CA ALA A 230 -22.86 -30.61 9.54
C ALA A 230 -21.63 -30.99 10.38
N LYS A 231 -20.44 -30.52 9.98
CA LYS A 231 -19.25 -30.80 10.78
C LYS A 231 -19.31 -30.14 12.16
N LEU A 232 -19.79 -28.89 12.24
CA LEU A 232 -19.89 -28.21 13.54
C LEU A 232 -20.87 -28.92 14.47
N MET A 233 -21.89 -29.57 13.91
CA MET A 233 -22.83 -30.32 14.73
C MET A 233 -22.13 -31.28 15.68
N ASN A 234 -21.04 -31.91 15.23
CA ASN A 234 -20.35 -32.81 16.16
C ASN A 234 -19.33 -32.07 17.01
N ALA A 235 -18.90 -30.88 16.60
CA ALA A 235 -17.95 -30.09 17.36
C ALA A 235 -18.62 -29.41 18.54
N TYR A 236 -19.91 -29.15 18.45
CA TYR A 236 -20.65 -28.46 19.50
C TYR A 236 -21.98 -29.16 19.69
N PRO A 237 -21.94 -30.37 20.26
CA PRO A 237 -23.19 -31.09 20.50
C PRO A 237 -24.19 -30.20 21.24
N SER A 238 -25.44 -30.23 20.78
CA SER A 238 -26.54 -29.49 21.42
C SER A 238 -26.70 -28.08 20.88
N TYR A 239 -25.67 -27.54 20.24
CA TYR A 239 -25.65 -26.11 19.97
C TYR A 239 -25.96 -25.73 18.52
N ILE A 240 -26.01 -26.68 17.58
CA ILE A 240 -26.14 -26.37 16.15
C ILE A 240 -27.47 -26.94 15.64
N SER A 241 -28.29 -26.08 15.06
CA SER A 241 -29.48 -26.60 14.41
C SER A 241 -29.13 -27.12 13.01
N PRO A 242 -29.65 -28.30 12.63
CA PRO A 242 -29.30 -28.89 11.33
C PRO A 242 -29.79 -28.10 10.12
N ILE A 243 -30.72 -27.15 10.33
CA ILE A 243 -31.32 -26.34 9.27
C ILE A 243 -31.13 -24.85 9.51
N GLY A 244 -30.38 -24.45 10.54
CA GLY A 244 -30.28 -23.06 10.94
C GLY A 244 -29.03 -22.38 10.42
N CYS A 245 -28.91 -21.08 10.74
CA CYS A 245 -27.67 -20.36 10.51
C CYS A 245 -26.59 -20.84 11.48
N LEU A 246 -25.35 -20.62 11.10
CA LEU A 246 -24.28 -20.89 12.06
C LEU A 246 -24.18 -19.75 13.10
N PRO A 247 -24.05 -20.10 14.38
CA PRO A 247 -23.76 -19.08 15.41
C PRO A 247 -22.46 -18.34 15.11
N ALA A 248 -22.49 -17.02 15.28
CA ALA A 248 -21.41 -16.19 14.73
C ALA A 248 -20.12 -16.28 15.54
N HIS A 249 -20.18 -16.75 16.77
CA HIS A 249 -19.01 -16.92 17.61
C HIS A 249 -18.27 -18.25 17.36
N LEU A 250 -18.79 -19.13 16.50
CA LEU A 250 -18.15 -20.40 16.20
C LEU A 250 -17.44 -20.44 14.84
N LEU A 251 -17.22 -19.29 14.20
CA LEU A 251 -16.80 -19.30 12.81
C LEU A 251 -15.29 -19.28 12.61
N GLY A 252 -14.48 -19.19 13.67
CA GLY A 252 -13.03 -19.31 13.53
C GLY A 252 -12.25 -18.02 13.65
N ASP A 253 -12.91 -16.85 13.61
CA ASP A 253 -12.30 -15.63 14.11
C ASP A 253 -13.39 -14.81 14.82
N MET A 254 -13.07 -13.57 15.19
CA MET A 254 -13.98 -12.75 15.99
C MET A 254 -15.28 -12.40 15.27
N TRP A 255 -15.32 -12.49 13.95
CA TRP A 255 -16.50 -12.09 13.19
C TRP A 255 -16.98 -13.15 12.19
N GLY A 256 -16.22 -14.21 11.97
CA GLY A 256 -16.43 -15.05 10.81
C GLY A 256 -16.12 -14.38 9.47
N ARG A 257 -15.19 -13.43 9.46
CA ARG A 257 -14.77 -12.83 8.19
C ARG A 257 -14.04 -13.85 7.31
N PHE A 258 -13.28 -14.74 7.92
CA PHE A 258 -12.70 -15.89 7.24
C PHE A 258 -13.05 -17.13 8.06
N TRP A 259 -13.27 -18.27 7.39
CA TRP A 259 -13.51 -19.52 8.09
C TRP A 259 -12.25 -20.37 8.18
N THR A 260 -11.09 -19.79 7.87
CA THR A 260 -9.87 -20.59 7.82
C THR A 260 -9.68 -21.42 9.08
N ASN A 261 -9.85 -20.81 10.25
CA ASN A 261 -9.53 -21.57 11.47
C ASN A 261 -10.47 -22.75 11.74
N LEU A 262 -11.56 -22.90 10.98
CA LEU A 262 -12.37 -24.11 11.03
C LEU A 262 -11.78 -25.29 10.27
N TYR A 263 -10.58 -25.17 9.68
CA TYR A 263 -10.04 -26.28 8.90
C TYR A 263 -9.80 -27.52 9.77
N SER A 264 -9.31 -27.34 11.00
CA SER A 264 -9.06 -28.51 11.85
C SER A 264 -10.35 -29.27 12.18
N LEU A 265 -11.51 -28.61 12.10
CA LEU A 265 -12.82 -29.24 12.32
C LEU A 265 -13.52 -29.71 11.04
N THR A 266 -13.08 -29.26 9.87
CA THR A 266 -13.77 -29.61 8.63
C THR A 266 -12.85 -30.26 7.60
N VAL A 267 -11.62 -30.60 7.99
CA VAL A 267 -10.69 -31.15 7.00
C VAL A 267 -11.32 -32.39 6.38
N PRO A 268 -11.42 -32.46 5.04
CA PRO A 268 -12.14 -33.59 4.44
C PRO A 268 -11.42 -34.91 4.60
N PHE A 269 -10.09 -34.89 4.67
CA PHE A 269 -9.30 -36.12 4.66
C PHE A 269 -8.17 -35.96 5.68
N GLY A 270 -8.46 -36.35 6.92
CA GLY A 270 -7.58 -36.05 8.03
C GLY A 270 -6.37 -36.95 8.16
N GLN A 271 -6.37 -38.13 7.57
CA GLN A 271 -5.20 -38.99 7.72
C GLN A 271 -4.04 -38.58 6.81
N LYS A 272 -4.23 -37.63 5.91
CA LYS A 272 -3.20 -37.27 4.94
C LYS A 272 -2.22 -36.26 5.54
N PRO A 273 -1.06 -36.07 4.91
CA PRO A 273 -0.12 -35.06 5.42
C PRO A 273 -0.82 -33.74 5.58
N ASN A 274 -0.39 -32.96 6.57
CA ASN A 274 -1.09 -31.74 6.93
C ASN A 274 -0.73 -30.64 5.93
N ILE A 275 -1.71 -30.21 5.14
CA ILE A 275 -1.57 -29.13 4.17
C ILE A 275 -1.68 -27.78 4.88
N ASP A 276 -1.72 -27.82 6.22
CA ASP A 276 -1.68 -26.62 7.07
C ASP A 276 -0.32 -26.63 7.77
N VAL A 277 0.61 -25.82 7.24
CA VAL A 277 2.02 -25.90 7.62
C VAL A 277 2.34 -25.21 8.94
N THR A 278 1.31 -24.74 9.67
CA THR A 278 1.57 -24.10 10.95
C THR A 278 2.39 -24.99 11.88
N ASP A 279 1.99 -26.24 12.06
CA ASP A 279 2.75 -27.11 12.95
C ASP A 279 4.15 -27.31 12.42
N ALA A 280 4.30 -27.48 11.11
CA ALA A 280 5.62 -27.73 10.57
C ALA A 280 6.54 -26.53 10.76
N MET A 281 6.00 -25.31 10.73
CA MET A 281 6.93 -24.19 10.82
C MET A 281 7.27 -23.83 12.26
N VAL A 282 6.52 -24.37 13.25
CA VAL A 282 6.93 -24.24 14.63
C VAL A 282 8.03 -25.27 14.98
N ASP A 283 7.92 -26.49 14.43
CA ASP A 283 8.96 -27.49 14.69
C ASP A 283 10.33 -27.03 14.19
N GLN A 284 10.35 -26.32 13.06
CA GLN A 284 11.58 -25.90 12.42
C GLN A 284 12.08 -24.54 12.91
N ALA A 285 11.52 -24.04 14.01
CA ALA A 285 12.00 -22.83 14.68
C ALA A 285 11.88 -21.58 13.81
N TRP A 286 10.99 -21.60 12.82
CA TRP A 286 10.75 -20.39 12.05
C TRP A 286 10.37 -19.25 12.99
N ASP A 287 10.85 -18.06 12.69
CA ASP A 287 10.37 -16.85 13.35
C ASP A 287 9.84 -15.88 12.30
N ALA A 288 9.43 -14.69 12.75
CA ALA A 288 8.86 -13.73 11.81
C ALA A 288 9.83 -13.41 10.68
N GLN A 289 11.11 -13.22 11.00
CA GLN A 289 12.11 -12.85 10.00
C GLN A 289 12.18 -13.91 8.89
N ARG A 290 12.25 -15.18 9.28
CA ARG A 290 12.28 -16.24 8.28
C ARG A 290 11.06 -16.15 7.36
N ILE A 291 9.88 -15.88 7.92
CA ILE A 291 8.67 -15.77 7.12
C ILE A 291 8.83 -14.67 6.06
N PHE A 292 9.30 -13.49 6.49
CA PHE A 292 9.40 -12.39 5.54
C PHE A 292 10.58 -12.55 4.58
N LYS A 293 11.68 -13.18 5.00
CA LYS A 293 12.76 -13.43 4.04
C LYS A 293 12.33 -14.47 3.01
N GLU A 294 11.43 -15.38 3.40
CA GLU A 294 10.92 -16.39 2.47
C GLU A 294 9.96 -15.76 1.46
N ALA A 295 9.09 -14.85 1.92
CA ALA A 295 8.26 -14.10 0.99
C ALA A 295 9.11 -13.27 0.04
N GLU A 296 10.22 -12.73 0.53
CA GLU A 296 11.12 -11.99 -0.35
C GLU A 296 11.76 -12.93 -1.38
N LYS A 297 12.17 -14.13 -0.95
CA LYS A 297 12.72 -15.07 -1.92
C LYS A 297 11.70 -15.37 -3.01
N PHE A 298 10.42 -15.48 -2.62
CA PHE A 298 9.38 -15.82 -3.58
C PHE A 298 9.30 -14.78 -4.70
N PHE A 299 9.40 -13.50 -4.34
CA PHE A 299 9.24 -12.44 -5.34
C PHE A 299 10.45 -12.35 -6.25
N VAL A 300 11.67 -12.36 -5.70
CA VAL A 300 12.80 -12.27 -6.61
C VAL A 300 12.86 -13.51 -7.48
N SER A 301 12.14 -14.58 -7.08
CA SER A 301 12.05 -15.76 -7.93
C SER A 301 11.29 -15.47 -9.22
N VAL A 302 10.42 -14.46 -9.23
CA VAL A 302 9.69 -14.13 -10.45
C VAL A 302 10.23 -12.86 -11.11
N GLY A 303 11.40 -12.37 -10.66
CA GLY A 303 12.05 -11.24 -11.32
C GLY A 303 11.77 -9.88 -10.73
N LEU A 304 11.19 -9.80 -9.54
CA LEU A 304 10.94 -8.53 -8.88
C LEU A 304 11.99 -8.27 -7.80
N PRO A 305 12.07 -7.03 -7.31
CA PRO A 305 13.19 -6.64 -6.43
C PRO A 305 13.12 -7.19 -5.01
N ASN A 306 14.30 -7.25 -4.39
CA ASN A 306 14.48 -7.27 -2.94
C ASN A 306 13.60 -6.21 -2.29
N MET A 307 13.32 -6.36 -1.00
CA MET A 307 12.84 -5.21 -0.24
C MET A 307 13.99 -4.24 -0.03
N THR A 308 13.65 -2.96 0.17
CA THR A 308 14.67 -1.94 0.42
C THR A 308 15.30 -2.17 1.78
N GLN A 309 16.46 -1.53 2.01
CA GLN A 309 17.03 -1.60 3.34
C GLN A 309 16.14 -0.89 4.35
N GLY A 310 15.57 0.25 3.96
CA GLY A 310 14.67 0.97 4.86
C GLY A 310 13.45 0.15 5.24
N PHE A 311 12.96 -0.68 4.32
CA PHE A 311 11.87 -1.57 4.67
C PHE A 311 12.26 -2.48 5.83
N TRP A 312 13.49 -2.98 5.85
CA TRP A 312 13.89 -3.89 6.92
C TRP A 312 14.23 -3.14 8.20
N GLU A 313 14.76 -1.93 8.09
CA GLU A 313 15.16 -1.23 9.30
C GLU A 313 13.99 -0.54 9.99
N TYR A 314 12.94 -0.19 9.24
CA TYR A 314 11.86 0.64 9.78
C TYR A 314 10.52 -0.08 9.90
N SER A 315 10.33 -1.20 9.24
CA SER A 315 9.08 -1.94 9.40
C SER A 315 8.96 -2.44 10.83
N MET A 316 7.74 -2.75 11.23
CA MET A 316 7.48 -3.42 12.50
C MET A 316 6.87 -4.77 12.15
N LEU A 317 7.66 -5.83 12.27
CA LEU A 317 7.24 -7.15 11.81
C LEU A 317 6.84 -8.07 12.95
N THR A 318 6.93 -7.63 14.21
CA THR A 318 6.51 -8.42 15.36
C THR A 318 5.92 -7.46 16.38
N ASP A 319 5.27 -8.01 17.39
CA ASP A 319 4.75 -7.18 18.46
C ASP A 319 5.90 -6.48 19.19
N PRO A 320 5.80 -5.17 19.45
CA PRO A 320 6.88 -4.48 20.18
C PRO A 320 6.98 -4.85 21.65
N GLY A 321 6.01 -5.58 22.19
CA GLY A 321 5.90 -5.70 23.64
C GLY A 321 5.06 -4.57 24.20
N ASN A 322 4.93 -4.59 25.52
CA ASN A 322 4.05 -3.64 26.23
C ASN A 322 4.70 -2.28 26.48
N VAL A 323 5.88 -2.00 25.91
CA VAL A 323 6.46 -0.66 25.95
C VAL A 323 5.78 0.33 25.02
N GLN A 324 4.91 -0.15 24.13
CA GLN A 324 4.20 0.65 23.15
C GLN A 324 2.78 0.13 23.08
N LYS A 325 1.87 0.97 22.62
CA LYS A 325 0.55 0.52 22.24
C LYS A 325 0.45 0.71 20.72
N ALA A 326 0.40 -0.41 19.99
CA ALA A 326 0.43 -0.40 18.53
C ALA A 326 -0.87 -0.98 17.96
N VAL A 327 -1.17 -0.61 16.72
CA VAL A 327 -2.27 -1.24 15.99
C VAL A 327 -1.65 -2.37 15.17
N CYS A 328 -1.93 -3.61 15.55
CA CYS A 328 -1.36 -4.82 14.95
C CYS A 328 -1.98 -5.22 13.63
N HIS A 329 -3.05 -4.56 13.17
CA HIS A 329 -3.71 -5.05 11.97
C HIS A 329 -2.77 -4.93 10.79
N PRO A 330 -2.52 -6.00 10.04
CA PRO A 330 -1.49 -5.94 8.99
C PRO A 330 -1.81 -4.85 7.99
N THR A 331 -0.83 -3.98 7.77
CA THR A 331 -0.99 -2.89 6.82
C THR A 331 0.29 -2.76 6.03
N ALA A 332 0.15 -2.44 4.75
CA ALA A 332 1.27 -2.19 3.85
C ALA A 332 1.36 -0.68 3.64
N TRP A 333 2.47 -0.07 4.02
CA TRP A 333 2.61 1.38 3.97
C TRP A 333 3.51 1.84 2.82
N ASP A 334 2.99 2.77 2.03
CA ASP A 334 3.76 3.53 1.06
C ASP A 334 3.80 4.98 1.56
N LEU A 335 4.85 5.34 2.32
CA LEU A 335 4.91 6.68 2.90
C LEU A 335 5.27 7.74 1.88
N GLY A 336 5.93 7.37 0.80
CA GLY A 336 6.48 8.32 -0.14
C GLY A 336 8.00 8.34 -0.07
N LYS A 337 8.59 9.02 -1.05
CA LYS A 337 10.04 9.20 -1.11
C LYS A 337 10.78 7.88 -0.90
N GLY A 338 10.29 6.83 -1.56
CA GLY A 338 10.94 5.52 -1.51
C GLY A 338 11.00 4.90 -0.14
N ASP A 339 10.09 5.28 0.76
CA ASP A 339 10.01 4.70 2.10
C ASP A 339 8.81 3.74 2.17
N PHE A 340 9.09 2.43 2.26
CA PHE A 340 8.09 1.38 2.26
C PHE A 340 8.20 0.55 3.53
N ARG A 341 7.08 0.35 4.22
CA ARG A 341 7.08 -0.41 5.46
C ARG A 341 5.84 -1.28 5.55
N ILE A 342 5.97 -2.38 6.29
CA ILE A 342 4.85 -3.20 6.72
C ILE A 342 4.73 -3.09 8.24
N LEU A 343 3.50 -2.98 8.72
CA LEU A 343 3.19 -3.01 10.14
C LEU A 343 2.38 -4.27 10.40
N MET A 344 2.94 -5.18 11.21
CA MET A 344 2.33 -6.49 11.37
C MET A 344 2.86 -7.14 12.66
N CYS A 345 1.97 -7.77 13.43
CA CYS A 345 2.37 -8.49 14.66
C CYS A 345 2.43 -9.99 14.34
N THR A 346 3.51 -10.37 13.67
CA THR A 346 3.58 -11.67 13.02
C THR A 346 3.74 -12.78 14.05
N LYS A 347 2.92 -13.81 13.89
CA LYS A 347 3.03 -15.02 14.67
C LYS A 347 3.42 -16.15 13.74
N VAL A 348 3.88 -17.26 14.32
CA VAL A 348 4.41 -18.40 13.54
C VAL A 348 3.21 -19.28 13.17
N THR A 349 2.51 -18.89 12.12
CA THR A 349 1.29 -19.57 11.69
C THR A 349 1.17 -19.46 10.17
N MET A 350 0.67 -20.53 9.54
CA MET A 350 0.46 -20.48 8.10
C MET A 350 -0.35 -19.25 7.71
N ASP A 351 -1.35 -18.89 8.53
CA ASP A 351 -2.11 -17.66 8.28
C ASP A 351 -1.18 -16.48 8.10
N ASP A 352 -0.30 -16.26 9.08
CA ASP A 352 0.60 -15.13 8.99
C ASP A 352 1.67 -15.32 7.92
N PHE A 353 2.09 -16.56 7.67
CA PHE A 353 2.96 -16.83 6.51
C PHE A 353 2.35 -16.27 5.23
N LEU A 354 1.09 -16.65 4.93
CA LEU A 354 0.44 -16.17 3.71
C LEU A 354 0.16 -14.67 3.76
N THR A 355 -0.19 -14.15 4.93
CA THR A 355 -0.43 -12.71 5.01
C THR A 355 0.84 -11.95 4.72
N ALA A 356 1.99 -12.54 5.08
CA ALA A 356 3.26 -11.90 4.79
C ALA A 356 3.45 -11.74 3.30
N HIS A 357 3.19 -12.81 2.54
CA HIS A 357 3.30 -12.72 1.08
C HIS A 357 2.31 -11.69 0.52
N HIS A 358 1.08 -11.68 1.03
CA HIS A 358 0.09 -10.78 0.48
C HIS A 358 0.46 -9.32 0.76
N GLU A 359 0.82 -8.99 2.01
CA GLU A 359 1.22 -7.62 2.29
C GLU A 359 2.45 -7.22 1.47
N MET A 360 3.44 -8.10 1.37
CA MET A 360 4.58 -7.77 0.53
C MET A 360 4.13 -7.51 -0.90
N GLY A 361 3.19 -8.32 -1.39
CA GLY A 361 2.65 -8.07 -2.73
C GLY A 361 2.18 -6.64 -2.90
N HIS A 362 1.47 -6.10 -1.91
CA HIS A 362 1.02 -4.71 -2.02
C HIS A 362 2.22 -3.76 -2.07
N ILE A 363 3.24 -4.01 -1.26
CA ILE A 363 4.46 -3.21 -1.32
C ILE A 363 5.05 -3.29 -2.71
N GLN A 364 5.23 -4.51 -3.21
CA GLN A 364 5.74 -4.71 -4.56
C GLN A 364 5.00 -3.83 -5.57
N TYR A 365 3.67 -3.82 -5.49
CA TYR A 365 2.88 -2.88 -6.29
C TYR A 365 3.33 -1.43 -6.06
N ASP A 366 3.42 -1.02 -4.79
CA ASP A 366 3.82 0.36 -4.49
C ASP A 366 5.18 0.69 -5.08
N MET A 367 6.14 -0.25 -4.99
CA MET A 367 7.45 0.00 -5.56
C MET A 367 7.38 0.13 -7.08
N ALA A 368 6.54 -0.69 -7.72
CA ALA A 368 6.48 -0.69 -9.17
C ALA A 368 5.91 0.59 -9.76
N TYR A 369 5.10 1.35 -9.03
CA TYR A 369 4.60 2.58 -9.63
C TYR A 369 5.11 3.84 -8.91
N ALA A 370 6.23 3.72 -8.19
CA ALA A 370 6.77 4.89 -7.48
C ALA A 370 7.21 5.99 -8.44
N ALA A 371 7.62 5.62 -9.66
CA ALA A 371 8.04 6.57 -10.68
C ALA A 371 6.88 7.19 -11.47
N GLN A 372 5.68 6.79 -11.19
CA GLN A 372 4.54 7.47 -11.78
C GLN A 372 4.34 8.84 -11.10
N PRO A 373 3.72 9.81 -11.79
CA PRO A 373 3.44 11.08 -11.12
C PRO A 373 2.56 10.88 -9.91
N PHE A 374 2.88 11.61 -8.84
CA PHE A 374 2.24 11.50 -7.53
C PHE A 374 0.76 11.10 -7.57
N LEU A 375 -0.08 11.87 -8.28
CA LEU A 375 -1.52 11.59 -8.29
C LEU A 375 -1.89 10.25 -8.91
N LEU A 376 -0.99 9.62 -9.66
CA LEU A 376 -1.27 8.32 -10.25
C LEU A 376 -0.50 7.19 -9.56
N ARG A 377 0.13 7.50 -8.42
CA ARG A 377 0.79 6.47 -7.62
C ARG A 377 -0.27 5.76 -6.80
N ASN A 378 -0.90 4.76 -7.41
CA ASN A 378 -2.05 4.10 -6.81
C ASN A 378 -2.40 2.85 -7.60
N GLY A 379 -3.11 1.93 -6.96
CA GLY A 379 -3.65 0.79 -7.69
C GLY A 379 -4.65 1.25 -8.74
N ALA A 380 -4.78 0.47 -9.83
CA ALA A 380 -5.75 0.86 -10.83
C ALA A 380 -7.12 1.09 -10.20
N ASN A 381 -7.45 0.33 -9.17
CA ASN A 381 -8.56 0.64 -8.26
C ASN A 381 -8.26 -0.10 -6.96
N GLU A 382 -9.13 0.09 -5.96
CA GLU A 382 -8.85 -0.49 -4.65
C GLU A 382 -8.86 -2.00 -4.71
N GLY A 383 -9.64 -2.58 -5.64
CA GLY A 383 -9.66 -4.03 -5.78
C GLY A 383 -8.37 -4.57 -6.37
N PHE A 384 -7.83 -3.89 -7.39
CA PHE A 384 -6.49 -4.23 -7.85
C PHE A 384 -5.51 -4.25 -6.68
N HIS A 385 -5.48 -3.17 -5.90
CA HIS A 385 -4.43 -3.00 -4.92
C HIS A 385 -4.49 -4.07 -3.84
N GLU A 386 -5.68 -4.55 -3.53
CA GLU A 386 -5.84 -5.65 -2.59
C GLU A 386 -5.73 -7.02 -3.25
N ALA A 387 -5.67 -7.07 -4.58
CA ALA A 387 -5.60 -8.34 -5.27
C ALA A 387 -4.18 -8.87 -5.44
N VAL A 388 -3.21 -7.99 -5.78
CA VAL A 388 -1.84 -8.43 -6.08
C VAL A 388 -1.34 -9.43 -5.03
N GLY A 389 -1.36 -9.02 -3.76
CA GLY A 389 -0.89 -9.91 -2.71
C GLY A 389 -1.56 -11.27 -2.74
N GLU A 390 -2.87 -11.29 -3.00
CA GLU A 390 -3.63 -12.55 -2.96
C GLU A 390 -3.29 -13.44 -4.13
N ILE A 391 -3.06 -12.86 -5.31
CA ILE A 391 -2.50 -13.64 -6.42
C ILE A 391 -1.28 -14.40 -5.95
N MET A 392 -0.37 -13.70 -5.27
CA MET A 392 0.85 -14.33 -4.80
C MET A 392 0.54 -15.50 -3.86
N SER A 393 -0.29 -15.26 -2.84
CA SER A 393 -0.59 -16.33 -1.89
C SER A 393 -1.32 -17.51 -2.53
N LEU A 394 -2.03 -17.30 -3.65
CA LEU A 394 -2.61 -18.45 -4.33
C LEU A 394 -1.51 -19.43 -4.72
N SER A 395 -0.36 -18.92 -5.16
CA SER A 395 0.76 -19.78 -5.51
C SER A 395 1.48 -20.26 -4.25
N ALA A 396 1.72 -19.35 -3.31
CA ALA A 396 2.51 -19.68 -2.13
C ALA A 396 1.79 -20.71 -1.26
N ALA A 397 0.47 -20.83 -1.37
CA ALA A 397 -0.30 -21.77 -0.56
C ALA A 397 -0.34 -23.19 -1.13
N THR A 398 0.05 -23.39 -2.39
CA THR A 398 -0.11 -24.71 -3.01
C THR A 398 0.84 -25.71 -2.34
N PRO A 399 0.41 -26.96 -2.17
CA PRO A 399 1.32 -27.99 -1.65
C PRO A 399 2.62 -28.12 -2.42
N LYS A 400 2.58 -28.02 -3.75
CA LYS A 400 3.81 -28.00 -4.53
C LYS A 400 4.81 -26.97 -3.98
N HIS A 401 4.35 -25.72 -3.84
CA HIS A 401 5.23 -24.67 -3.31
C HIS A 401 5.66 -24.97 -1.87
N LEU A 402 4.73 -25.44 -1.04
CA LEU A 402 5.05 -25.64 0.37
C LEU A 402 6.11 -26.74 0.54
N LYS A 403 6.05 -27.77 -0.30
CA LYS A 403 7.07 -28.82 -0.23
C LYS A 403 8.43 -28.30 -0.69
N SER A 404 8.47 -27.36 -1.63
CA SER A 404 9.75 -26.88 -2.14
C SER A 404 10.47 -25.97 -1.14
N ILE A 405 9.73 -25.27 -0.26
CA ILE A 405 10.40 -24.47 0.75
C ILE A 405 10.56 -25.29 2.03
N GLY A 406 10.33 -26.61 1.92
CA GLY A 406 10.64 -27.53 2.99
C GLY A 406 9.64 -27.61 4.12
N LEU A 407 8.38 -27.21 3.89
CA LEU A 407 7.35 -27.31 4.90
C LEU A 407 6.46 -28.54 4.72
N LEU A 408 6.79 -29.43 3.78
CA LEU A 408 6.21 -30.76 3.71
C LEU A 408 7.33 -31.76 3.42
N SER A 409 7.09 -33.03 3.78
CA SER A 409 8.12 -34.06 3.60
C SER A 409 8.59 -34.06 2.15
N PRO A 410 9.89 -34.26 1.89
CA PRO A 410 10.38 -34.34 0.50
C PRO A 410 9.83 -35.52 -0.30
N ASP A 411 9.13 -36.48 0.32
CA ASP A 411 8.40 -37.52 -0.41
C ASP A 411 6.89 -37.39 -0.21
N PHE A 412 6.42 -36.22 0.24
CA PHE A 412 5.00 -35.90 0.19
C PHE A 412 4.44 -36.23 -1.19
N GLN A 413 3.28 -36.87 -1.22
CA GLN A 413 2.61 -37.32 -2.44
C GLN A 413 1.27 -36.64 -2.58
N GLU A 414 0.94 -36.17 -3.79
CA GLU A 414 -0.33 -35.48 -4.01
C GLU A 414 -1.40 -36.45 -4.51
N ASP A 415 -2.54 -36.46 -3.82
CA ASP A 415 -3.67 -37.34 -4.07
C ASP A 415 -4.83 -36.51 -4.60
N ASN A 416 -5.83 -37.21 -5.16
CA ASN A 416 -7.11 -36.54 -5.30
C ASN A 416 -7.66 -36.11 -3.94
N GLU A 417 -7.13 -36.68 -2.85
CA GLU A 417 -7.56 -36.33 -1.50
C GLU A 417 -6.81 -35.14 -0.92
N THR A 418 -5.47 -35.13 -1.01
CA THR A 418 -4.77 -33.91 -0.61
C THR A 418 -5.27 -32.73 -1.43
N GLU A 419 -5.61 -32.98 -2.69
CA GLU A 419 -6.16 -31.95 -3.55
C GLU A 419 -7.46 -31.37 -2.98
N ILE A 420 -8.36 -32.24 -2.47
CA ILE A 420 -9.63 -31.78 -1.93
C ILE A 420 -9.41 -31.07 -0.58
N ASN A 421 -8.51 -31.60 0.25
CA ASN A 421 -8.14 -30.92 1.49
C ASN A 421 -7.75 -29.47 1.21
N PHE A 422 -6.84 -29.28 0.25
CA PHE A 422 -6.36 -27.95 -0.10
C PHE A 422 -7.51 -27.06 -0.57
N LEU A 423 -8.32 -27.54 -1.50
CA LEU A 423 -9.42 -26.73 -2.01
C LEU A 423 -10.38 -26.36 -0.89
N LEU A 424 -10.77 -27.34 -0.06
CA LEU A 424 -11.58 -27.05 1.11
C LEU A 424 -10.99 -25.90 1.95
N LYS A 425 -9.70 -25.99 2.30
CA LYS A 425 -9.11 -24.95 3.14
C LYS A 425 -9.12 -23.60 2.41
N GLN A 426 -8.76 -23.60 1.12
CA GLN A 426 -8.84 -22.39 0.32
C GLN A 426 -10.26 -21.83 0.31
N ALA A 427 -11.28 -22.68 0.15
CA ALA A 427 -12.64 -22.17 0.16
C ALA A 427 -13.00 -21.52 1.49
N LEU A 428 -12.64 -22.16 2.61
CA LEU A 428 -12.95 -21.61 3.92
C LEU A 428 -12.58 -20.15 4.00
N THR A 429 -11.45 -19.80 3.38
CA THR A 429 -10.94 -18.43 3.39
C THR A 429 -11.62 -17.60 2.32
N ILE A 430 -11.53 -18.05 1.07
CA ILE A 430 -11.86 -17.25 -0.10
C ILE A 430 -13.36 -17.18 -0.33
N VAL A 431 -14.02 -18.34 -0.33
CA VAL A 431 -15.48 -18.37 -0.54
C VAL A 431 -16.19 -17.95 0.74
N GLY A 432 -15.66 -18.33 1.90
CA GLY A 432 -16.27 -17.94 3.15
C GLY A 432 -16.45 -16.44 3.30
N THR A 433 -15.46 -15.66 2.84
CA THR A 433 -15.48 -14.23 3.09
C THR A 433 -16.41 -13.45 2.17
N LEU A 434 -16.82 -14.03 1.04
CA LEU A 434 -17.59 -13.26 0.06
C LEU A 434 -18.94 -12.82 0.61
N PRO A 435 -19.82 -13.73 1.06
CA PRO A 435 -21.08 -13.25 1.67
C PRO A 435 -20.84 -12.30 2.85
N PHE A 436 -19.87 -12.62 3.72
CA PHE A 436 -19.47 -11.70 4.77
C PHE A 436 -19.12 -10.34 4.19
N THR A 437 -18.33 -10.31 3.12
CA THR A 437 -17.87 -9.03 2.58
C THR A 437 -19.02 -8.26 1.91
N TYR A 438 -19.75 -8.91 1.01
CA TYR A 438 -20.89 -8.23 0.40
C TYR A 438 -21.84 -7.66 1.46
N MET A 439 -22.23 -8.47 2.45
CA MET A 439 -23.26 -8.04 3.39
C MET A 439 -22.80 -6.83 4.23
N LEU A 440 -21.57 -6.86 4.73
CA LEU A 440 -21.09 -5.74 5.53
C LEU A 440 -21.21 -4.42 4.76
N GLU A 441 -20.70 -4.39 3.50
CA GLU A 441 -20.77 -3.14 2.74
C GLU A 441 -22.20 -2.78 2.39
N LYS A 442 -23.02 -3.78 2.06
CA LYS A 442 -24.41 -3.44 1.77
C LYS A 442 -25.03 -2.72 2.97
N TRP A 443 -24.76 -3.23 4.17
CA TRP A 443 -25.28 -2.55 5.36
C TRP A 443 -24.76 -1.11 5.43
N ARG A 444 -23.44 -0.93 5.24
CA ARG A 444 -22.88 0.43 5.27
C ARG A 444 -23.42 1.30 4.15
N TRP A 445 -23.55 0.75 2.95
CA TRP A 445 -24.17 1.51 1.88
C TRP A 445 -25.57 1.93 2.28
N MET A 446 -26.34 1.01 2.84
CA MET A 446 -27.70 1.35 3.23
C MET A 446 -27.70 2.42 4.33
N VAL A 447 -26.84 2.26 5.33
CA VAL A 447 -26.80 3.27 6.37
C VAL A 447 -26.44 4.64 5.78
N PHE A 448 -25.45 4.69 4.90
CA PHE A 448 -25.05 5.98 4.33
C PHE A 448 -26.16 6.58 3.51
N LYS A 449 -26.92 5.74 2.78
CA LYS A 449 -28.01 6.22 1.95
C LYS A 449 -29.20 6.69 2.78
N GLY A 450 -29.19 6.47 4.10
CA GLY A 450 -30.27 6.87 4.96
C GLY A 450 -31.46 5.94 4.93
N GLU A 451 -31.23 4.64 4.67
CA GLU A 451 -32.28 3.65 4.49
C GLU A 451 -32.60 2.86 5.75
N ILE A 452 -31.83 3.03 6.81
CA ILE A 452 -32.03 2.29 8.05
C ILE A 452 -32.15 3.32 9.16
N PRO A 453 -33.33 3.54 9.72
CA PRO A 453 -33.44 4.43 10.88
C PRO A 453 -32.50 3.95 11.97
N LYS A 454 -31.96 4.90 12.75
CA LYS A 454 -30.92 4.54 13.71
C LYS A 454 -31.40 3.49 14.71
N ASP A 455 -32.66 3.52 15.11
CA ASP A 455 -33.12 2.51 16.06
C ASP A 455 -33.39 1.16 15.40
N GLN A 456 -32.98 0.98 14.15
CA GLN A 456 -33.09 -0.29 13.45
C GLN A 456 -31.74 -0.81 12.97
N TRP A 457 -30.64 -0.10 13.26
CA TRP A 457 -29.31 -0.43 12.75
C TRP A 457 -28.94 -1.87 13.05
N MET A 458 -29.02 -2.26 14.31
CA MET A 458 -28.59 -3.59 14.70
C MET A 458 -29.63 -4.63 14.36
N LYS A 459 -30.91 -4.21 14.31
CA LYS A 459 -31.95 -5.07 13.78
C LYS A 459 -31.62 -5.48 12.35
N LYS A 460 -31.44 -4.49 11.46
CA LYS A 460 -31.22 -4.81 10.06
C LYS A 460 -29.86 -5.50 9.87
N TRP A 461 -28.86 -5.13 10.66
CA TRP A 461 -27.58 -5.82 10.57
C TRP A 461 -27.76 -7.32 10.74
N TRP A 462 -28.47 -7.75 11.79
CA TRP A 462 -28.57 -9.19 12.02
C TRP A 462 -29.58 -9.85 11.09
N GLU A 463 -30.59 -9.11 10.61
CA GLU A 463 -31.41 -9.64 9.53
C GLU A 463 -30.53 -9.97 8.33
N MET A 464 -29.67 -9.03 7.95
CA MET A 464 -28.83 -9.24 6.79
C MET A 464 -27.82 -10.36 7.02
N LYS A 465 -27.31 -10.48 8.24
CA LYS A 465 -26.44 -11.62 8.56
C LYS A 465 -27.17 -12.93 8.34
N ARG A 466 -28.39 -13.07 8.90
CA ARG A 466 -29.13 -14.31 8.78
C ARG A 466 -29.46 -14.64 7.31
N GLU A 467 -29.84 -13.65 6.50
CA GLU A 467 -30.31 -13.97 5.15
C GLU A 467 -29.17 -14.16 4.13
N ILE A 468 -28.29 -13.17 4.00
CA ILE A 468 -27.21 -13.26 3.02
C ILE A 468 -26.09 -14.19 3.48
N VAL A 469 -25.72 -14.12 4.76
CA VAL A 469 -24.50 -14.78 5.23
C VAL A 469 -24.73 -16.15 5.86
N GLY A 470 -25.96 -16.48 6.24
CA GLY A 470 -26.24 -17.74 6.90
C GLY A 470 -25.74 -17.79 8.33
N VAL A 471 -25.69 -16.66 9.01
CA VAL A 471 -25.04 -16.54 10.31
C VAL A 471 -25.96 -15.80 11.26
N VAL A 472 -25.97 -16.23 12.51
CA VAL A 472 -26.93 -15.72 13.49
C VAL A 472 -26.20 -15.38 14.80
N GLU A 473 -26.61 -14.28 15.43
CA GLU A 473 -26.01 -13.88 16.70
C GLU A 473 -26.38 -14.89 17.78
N PRO A 474 -25.43 -15.25 18.65
CA PRO A 474 -25.78 -16.08 19.82
C PRO A 474 -26.47 -15.32 20.94
N VAL A 475 -26.45 -13.99 20.94
CA VAL A 475 -27.17 -13.22 21.94
C VAL A 475 -27.92 -12.07 21.27
N PRO A 476 -29.16 -11.78 21.67
CA PRO A 476 -29.88 -10.62 21.12
C PRO A 476 -29.16 -9.31 21.42
N HIS A 477 -29.12 -8.42 20.43
CA HIS A 477 -28.43 -7.14 20.56
C HIS A 477 -29.37 -5.96 20.28
N ASP A 478 -29.70 -5.23 21.35
CA ASP A 478 -30.07 -3.81 21.44
C ASP A 478 -29.50 -2.90 20.35
N GLU A 479 -30.12 -1.72 20.17
CA GLU A 479 -29.45 -0.62 19.50
C GLU A 479 -28.42 0.11 20.38
N THR A 480 -28.05 -0.41 21.55
CA THR A 480 -26.88 0.14 22.23
C THR A 480 -25.59 -0.42 21.63
N TYR A 481 -25.69 -1.57 20.98
CA TYR A 481 -24.59 -2.23 20.29
C TYR A 481 -24.27 -1.55 18.94
N CYS A 482 -23.07 -1.82 18.46
CA CYS A 482 -22.64 -1.33 17.17
C CYS A 482 -21.70 -2.38 16.58
N ASP A 483 -22.25 -3.55 16.33
CA ASP A 483 -21.41 -4.69 16.00
C ASP A 483 -20.58 -4.48 14.75
N PRO A 484 -21.09 -3.86 13.68
CA PRO A 484 -20.21 -3.57 12.52
C PRO A 484 -18.91 -2.89 12.91
N ALA A 485 -18.96 -1.99 13.89
CA ALA A 485 -17.76 -1.28 14.29
C ALA A 485 -16.79 -2.15 15.08
N SER A 486 -17.22 -3.33 15.56
CA SER A 486 -16.26 -4.15 16.28
C SER A 486 -15.22 -4.74 15.36
N LEU A 487 -15.28 -4.44 14.06
CA LEU A 487 -14.31 -4.89 13.07
C LEU A 487 -13.42 -3.73 12.62
N PHE A 488 -12.12 -4.03 12.52
CA PHE A 488 -11.11 -3.02 12.21
C PHE A 488 -11.54 -2.03 11.12
N HIS A 489 -11.93 -2.55 9.95
CA HIS A 489 -12.15 -1.66 8.80
C HIS A 489 -13.29 -0.70 9.02
N VAL A 490 -14.32 -1.11 9.77
CA VAL A 490 -15.46 -0.23 10.01
C VAL A 490 -15.07 0.89 10.96
N SER A 491 -14.35 0.59 12.03
CA SER A 491 -13.96 1.62 12.98
C SER A 491 -12.65 2.32 12.60
N ASN A 492 -11.90 1.80 11.63
CA ASN A 492 -10.82 2.57 11.07
C ASN A 492 -11.15 3.23 9.72
N ASP A 493 -12.41 3.27 9.32
CA ASP A 493 -12.82 4.09 8.19
C ASP A 493 -12.18 3.65 6.86
N TYR A 494 -12.24 2.36 6.57
CA TYR A 494 -11.77 1.81 5.29
C TYR A 494 -12.93 1.20 4.51
N SER A 495 -12.92 1.42 3.20
CA SER A 495 -13.88 0.76 2.32
C SER A 495 -13.68 -0.75 2.37
N PHE A 496 -14.79 -1.50 2.25
CA PHE A 496 -14.72 -2.96 2.38
C PHE A 496 -15.01 -3.73 1.10
N ILE A 497 -15.71 -3.16 0.12
CA ILE A 497 -16.04 -3.92 -1.07
C ILE A 497 -14.79 -4.29 -1.89
N ARG A 498 -13.70 -3.55 -1.71
CA ARG A 498 -12.39 -3.92 -2.25
C ARG A 498 -12.11 -5.41 -2.11
N TYR A 499 -12.34 -5.98 -0.92
CA TYR A 499 -12.12 -7.42 -0.71
C TYR A 499 -13.10 -8.31 -1.46
N TYR A 500 -14.24 -7.76 -1.88
CA TYR A 500 -15.10 -8.52 -2.78
C TYR A 500 -14.51 -8.50 -4.18
N THR A 501 -14.50 -7.33 -4.83
CA THR A 501 -13.91 -7.22 -6.16
C THR A 501 -12.48 -7.77 -6.18
N ARG A 502 -11.72 -7.55 -5.11
CA ARG A 502 -10.36 -8.07 -5.12
C ARG A 502 -10.36 -9.57 -5.33
N THR A 503 -11.33 -10.28 -4.72
CA THR A 503 -11.33 -11.74 -4.71
C THR A 503 -11.70 -12.31 -6.06
N LEU A 504 -12.48 -11.58 -6.87
CA LEU A 504 -12.72 -11.98 -8.24
C LEU A 504 -11.51 -11.67 -9.13
N TYR A 505 -10.93 -10.48 -8.98
CA TYR A 505 -9.76 -10.13 -9.78
C TYR A 505 -8.65 -11.17 -9.62
N GLN A 506 -8.34 -11.55 -8.37
CA GLN A 506 -7.17 -12.37 -8.12
C GLN A 506 -7.16 -13.65 -8.93
N PHE A 507 -8.34 -14.21 -9.26
CA PHE A 507 -8.35 -15.43 -10.07
C PHE A 507 -8.26 -15.11 -11.54
N GLN A 508 -8.97 -14.07 -11.99
CA GLN A 508 -8.79 -13.57 -13.34
C GLN A 508 -7.31 -13.37 -13.64
N PHE A 509 -6.58 -12.79 -12.69
CA PHE A 509 -5.15 -12.54 -12.89
C PHE A 509 -4.35 -13.84 -12.85
N GLN A 510 -4.63 -14.70 -11.87
CA GLN A 510 -3.88 -15.94 -11.76
C GLN A 510 -3.99 -16.76 -13.05
N GLU A 511 -5.20 -16.83 -13.63
CA GLU A 511 -5.37 -17.44 -14.94
C GLU A 511 -4.33 -16.91 -15.93
N ALA A 512 -4.23 -15.59 -16.03
CA ALA A 512 -3.35 -15.00 -17.03
C ALA A 512 -1.88 -15.21 -16.67
N LEU A 513 -1.53 -15.11 -15.40
CA LEU A 513 -0.15 -15.35 -14.99
C LEU A 513 0.25 -16.80 -15.24
N CYS A 514 -0.62 -17.75 -14.90
CA CYS A 514 -0.26 -19.15 -15.12
C CYS A 514 -0.16 -19.48 -16.60
N GLN A 515 -1.05 -18.92 -17.43
CA GLN A 515 -0.89 -19.10 -18.87
C GLN A 515 0.46 -18.58 -19.31
N ALA A 516 0.92 -17.48 -18.74
CA ALA A 516 2.25 -16.95 -19.07
C ALA A 516 3.35 -17.93 -18.68
N ALA A 517 3.25 -18.53 -17.49
CA ALA A 517 4.28 -19.44 -16.98
C ALA A 517 4.19 -20.83 -17.58
N LYS A 518 3.27 -21.05 -18.53
CA LYS A 518 3.14 -22.30 -19.26
C LYS A 518 2.60 -23.43 -18.40
N HIS A 519 1.97 -23.10 -17.27
CA HIS A 519 1.42 -24.10 -16.34
C HIS A 519 0.52 -25.07 -17.08
N GLU A 520 0.52 -26.33 -16.61
CA GLU A 520 -0.05 -27.46 -17.33
C GLU A 520 -1.55 -27.67 -17.05
N GLY A 521 -1.89 -28.09 -15.84
CA GLY A 521 -3.23 -28.54 -15.54
C GLY A 521 -4.16 -27.53 -14.87
N PRO A 522 -4.91 -27.98 -13.87
CA PRO A 522 -5.95 -27.14 -13.29
C PRO A 522 -5.37 -26.00 -12.47
N LEU A 523 -6.15 -24.92 -12.35
CA LEU A 523 -5.63 -23.63 -11.85
C LEU A 523 -5.10 -23.71 -10.42
N HIS A 524 -5.57 -24.64 -9.59
CA HIS A 524 -5.16 -24.73 -8.19
C HIS A 524 -3.87 -25.52 -7.99
N LYS A 525 -3.32 -26.14 -9.04
CA LYS A 525 -1.99 -26.74 -8.92
C LYS A 525 -0.89 -25.80 -9.40
N CYS A 526 -1.24 -24.59 -9.85
CA CYS A 526 -0.28 -23.65 -10.41
C CYS A 526 0.50 -22.92 -9.32
N ASP A 527 1.82 -22.85 -9.49
CA ASP A 527 2.72 -22.04 -8.66
C ASP A 527 3.65 -21.29 -9.61
N ILE A 528 3.49 -19.96 -9.67
CA ILE A 528 4.30 -19.13 -10.56
C ILE A 528 5.72 -18.91 -10.08
N SER A 529 6.10 -19.41 -8.90
CA SER A 529 7.49 -19.30 -8.48
C SER A 529 8.45 -19.63 -9.62
N ASN A 530 9.55 -18.89 -9.71
CA ASN A 530 10.63 -19.12 -10.66
C ASN A 530 10.27 -18.73 -12.09
N SER A 531 9.11 -18.12 -12.32
CA SER A 531 8.69 -17.75 -13.67
C SER A 531 8.84 -16.24 -13.83
N THR A 532 9.90 -15.82 -14.53
CA THR A 532 10.09 -14.40 -14.80
C THR A 532 9.14 -13.90 -15.88
N GLU A 533 8.68 -14.79 -16.77
CA GLU A 533 7.68 -14.38 -17.73
C GLU A 533 6.37 -14.02 -17.03
N ALA A 534 6.05 -14.74 -15.94
CA ALA A 534 4.92 -14.37 -15.08
C ALA A 534 5.23 -13.10 -14.30
N GLY A 535 6.40 -13.04 -13.66
CA GLY A 535 6.82 -11.79 -13.04
C GLY A 535 6.66 -10.60 -13.97
N GLN A 536 7.16 -10.72 -15.20
CA GLN A 536 7.14 -9.62 -16.13
C GLN A 536 5.71 -9.19 -16.48
N LYS A 537 4.85 -10.16 -16.82
CA LYS A 537 3.46 -9.83 -17.16
C LYS A 537 2.77 -9.09 -16.01
N LEU A 538 2.98 -9.55 -14.77
CA LEU A 538 2.43 -8.85 -13.63
C LEU A 538 2.99 -7.43 -13.53
N PHE A 539 4.32 -7.31 -13.61
CA PHE A 539 4.97 -6.04 -13.35
C PHE A 539 4.47 -4.97 -14.32
N ASN A 540 4.31 -5.32 -15.60
CA ASN A 540 3.90 -4.32 -16.58
C ASN A 540 2.52 -3.75 -16.26
N MET A 541 1.71 -4.45 -15.48
CA MET A 541 0.48 -3.90 -14.93
C MET A 541 0.73 -3.12 -13.64
N LEU A 542 1.61 -3.63 -12.76
CA LEU A 542 1.91 -2.92 -11.53
C LEU A 542 2.47 -1.52 -11.81
N ARG A 543 3.46 -1.44 -12.71
CA ARG A 543 4.18 -0.19 -12.96
C ARG A 543 3.27 0.92 -13.49
N LEU A 544 2.06 0.59 -13.93
CA LEU A 544 1.15 1.59 -14.48
C LEU A 544 0.40 2.38 -13.42
N GLY A 545 0.30 1.86 -12.20
CA GLY A 545 -0.53 2.51 -11.21
C GLY A 545 -1.95 2.77 -11.72
N LYS A 546 -2.39 4.01 -11.55
CA LYS A 546 -3.71 4.48 -11.96
C LYS A 546 -3.65 5.30 -13.25
N SER A 547 -2.51 5.26 -13.94
CA SER A 547 -2.39 5.98 -15.19
C SER A 547 -3.32 5.45 -16.28
N GLU A 548 -3.83 4.22 -16.14
CA GLU A 548 -4.85 3.73 -17.06
C GLU A 548 -6.13 3.39 -16.29
N PRO A 549 -7.31 3.72 -16.84
CA PRO A 549 -8.56 3.27 -16.20
C PRO A 549 -8.53 1.77 -15.95
N TRP A 550 -9.08 1.36 -14.82
CA TRP A 550 -8.93 -0.03 -14.42
C TRP A 550 -9.53 -1.00 -15.43
N THR A 551 -10.56 -0.59 -16.17
CA THR A 551 -11.18 -1.51 -17.10
C THR A 551 -10.22 -1.88 -18.21
N LEU A 552 -9.41 -0.91 -18.68
CA LEU A 552 -8.41 -1.21 -19.69
C LEU A 552 -7.22 -1.95 -19.10
N ALA A 553 -6.71 -1.49 -17.96
CA ALA A 553 -5.64 -2.23 -17.30
C ALA A 553 -6.03 -3.70 -17.15
N LEU A 554 -7.29 -3.97 -16.83
CA LEU A 554 -7.69 -5.36 -16.66
C LEU A 554 -7.68 -6.11 -17.98
N GLU A 555 -8.26 -5.49 -19.02
CA GLU A 555 -8.31 -6.13 -20.34
C GLU A 555 -6.91 -6.46 -20.85
N ASN A 556 -5.95 -5.56 -20.60
CA ASN A 556 -4.58 -5.75 -21.08
C ASN A 556 -3.94 -7.00 -20.52
N VAL A 557 -4.38 -7.47 -19.36
CA VAL A 557 -3.78 -8.61 -18.70
C VAL A 557 -4.59 -9.88 -18.90
N VAL A 558 -5.91 -9.78 -18.84
CA VAL A 558 -6.78 -10.96 -18.80
C VAL A 558 -7.77 -11.00 -19.97
N GLY A 559 -7.91 -9.94 -20.75
CA GLY A 559 -8.81 -9.93 -21.88
C GLY A 559 -10.27 -9.64 -21.59
N ALA A 560 -10.60 -9.08 -20.42
CA ALA A 560 -11.96 -8.70 -20.07
C ALA A 560 -11.95 -7.29 -19.49
N LYS A 561 -12.85 -6.42 -19.96
CA LYS A 561 -12.93 -5.07 -19.43
C LYS A 561 -13.84 -4.98 -18.20
N ASN A 562 -14.07 -6.09 -17.51
CA ASN A 562 -15.01 -6.10 -16.39
C ASN A 562 -14.67 -7.24 -15.44
N MET A 563 -15.18 -7.12 -14.22
CA MET A 563 -14.99 -8.15 -13.21
C MET A 563 -15.76 -9.42 -13.60
N ASN A 564 -15.18 -10.57 -13.29
CA ASN A 564 -15.73 -11.84 -13.77
C ASN A 564 -15.62 -12.94 -12.74
N VAL A 565 -16.74 -13.61 -12.46
CA VAL A 565 -16.76 -14.63 -11.44
C VAL A 565 -16.37 -16.02 -11.96
N ARG A 566 -16.37 -16.23 -13.28
CA ARG A 566 -16.14 -17.58 -13.78
C ARG A 566 -14.77 -18.13 -13.39
N PRO A 567 -13.67 -17.39 -13.46
CA PRO A 567 -12.39 -17.99 -13.04
C PRO A 567 -12.41 -18.47 -11.60
N LEU A 568 -13.04 -17.75 -10.67
CA LEU A 568 -13.10 -18.25 -9.30
C LEU A 568 -13.96 -19.51 -9.21
N LEU A 569 -15.12 -19.54 -9.88
CA LEU A 569 -15.96 -20.72 -9.83
C LEU A 569 -15.22 -21.95 -10.34
N ASN A 570 -14.36 -21.77 -11.34
CA ASN A 570 -13.72 -22.91 -11.97
C ASN A 570 -12.52 -23.40 -11.16
N TYR A 571 -11.83 -22.48 -10.50
CA TYR A 571 -10.82 -22.89 -9.52
C TYR A 571 -11.42 -23.88 -8.55
N PHE A 572 -12.67 -23.67 -8.16
CA PHE A 572 -13.32 -24.45 -7.12
C PHE A 572 -14.23 -25.55 -7.66
N GLU A 573 -14.34 -25.73 -8.98
CA GLU A 573 -15.24 -26.74 -9.51
C GLU A 573 -15.00 -28.11 -8.89
N PRO A 574 -13.78 -28.65 -8.86
CA PRO A 574 -13.58 -29.97 -8.24
C PRO A 574 -14.21 -30.06 -6.86
N LEU A 575 -13.93 -29.09 -5.98
CA LEU A 575 -14.55 -29.08 -4.65
C LEU A 575 -16.06 -28.91 -4.71
N PHE A 576 -16.57 -28.15 -5.67
CA PHE A 576 -18.01 -27.96 -5.75
C PHE A 576 -18.71 -29.28 -5.99
N THR A 577 -18.17 -30.10 -6.91
CA THR A 577 -18.87 -31.34 -7.20
C THR A 577 -18.75 -32.28 -6.01
N TRP A 578 -17.59 -32.29 -5.36
CA TRP A 578 -17.40 -33.10 -4.15
C TRP A 578 -18.41 -32.71 -3.08
N LEU A 579 -18.40 -31.44 -2.66
CA LEU A 579 -19.35 -30.97 -1.66
C LEU A 579 -20.77 -31.39 -1.98
N LYS A 580 -21.19 -31.25 -3.25
CA LYS A 580 -22.57 -31.59 -3.57
C LYS A 580 -22.82 -33.06 -3.31
N ASP A 581 -21.82 -33.90 -3.54
CA ASP A 581 -21.95 -35.30 -3.18
C ASP A 581 -21.97 -35.48 -1.68
N GLN A 582 -21.01 -34.86 -0.98
CA GLN A 582 -20.96 -34.95 0.47
C GLN A 582 -22.30 -34.58 1.11
N ASN A 583 -22.98 -33.58 0.55
CA ASN A 583 -24.19 -33.05 1.17
C ASN A 583 -25.44 -33.84 0.79
N LYS A 584 -25.32 -34.87 -0.03
CA LYS A 584 -26.50 -35.54 -0.57
C LYS A 584 -27.41 -36.07 0.54
N ASN A 585 -26.90 -36.23 1.75
CA ASN A 585 -27.76 -36.68 2.85
C ASN A 585 -27.95 -35.62 3.91
N SER A 586 -27.46 -34.39 3.72
CA SER A 586 -27.59 -33.30 4.67
C SER A 586 -28.52 -32.21 4.16
N PHE A 587 -29.01 -31.37 5.08
CA PHE A 587 -29.74 -30.17 4.71
C PHE A 587 -28.80 -29.18 4.01
N VAL A 588 -29.29 -28.55 2.95
CA VAL A 588 -28.56 -27.48 2.28
C VAL A 588 -29.41 -26.22 2.21
N GLY A 589 -28.87 -25.11 2.64
CA GLY A 589 -29.65 -23.91 2.86
C GLY A 589 -29.93 -23.76 4.33
N TRP A 590 -30.58 -22.64 4.66
CA TRP A 590 -30.76 -22.29 6.06
C TRP A 590 -32.07 -21.55 6.26
N SER A 591 -32.69 -21.80 7.39
CA SER A 591 -33.84 -21.05 7.84
C SER A 591 -33.35 -19.89 8.70
N THR A 592 -33.95 -18.72 8.52
CA THR A 592 -33.50 -17.60 9.33
C THR A 592 -34.27 -17.47 10.64
N ASP A 593 -35.23 -18.37 10.91
CA ASP A 593 -36.05 -18.23 12.12
C ASP A 593 -35.36 -18.80 13.35
N TRP A 594 -34.64 -19.90 13.20
CA TRP A 594 -33.93 -20.49 14.34
C TRP A 594 -32.97 -19.51 14.97
N SER A 595 -32.76 -19.66 16.27
CA SER A 595 -31.90 -18.80 17.04
C SER A 595 -31.23 -19.60 18.14
N PRO A 596 -29.95 -19.33 18.43
CA PRO A 596 -29.28 -20.06 19.52
C PRO A 596 -29.93 -19.83 20.86
N TYR A 597 -30.57 -18.69 21.06
CA TYR A 597 -31.22 -18.29 22.29
C TYR A 597 -32.73 -18.30 22.09
N ALA A 598 -33.48 -18.56 23.16
CA ALA A 598 -34.95 -18.51 23.05
C ALA A 598 -35.55 -17.71 24.21
N ASN B 15 54.09 20.05 -2.25
CA ASN B 15 53.05 21.05 -2.00
C ASN B 15 51.66 20.57 -2.49
N LEU B 16 50.98 19.77 -1.67
CA LEU B 16 49.80 19.04 -2.12
C LEU B 16 48.58 19.94 -2.28
N CYS B 17 47.65 19.50 -3.15
CA CYS B 17 46.47 20.26 -3.54
C CYS B 17 45.39 20.19 -2.45
N PRO B 18 44.72 21.30 -2.20
CA PRO B 18 43.74 21.36 -1.11
C PRO B 18 42.40 20.71 -1.45
N PHE B 19 42.43 19.43 -1.83
CA PHE B 19 41.17 18.75 -2.13
C PHE B 19 40.30 18.61 -0.89
N GLY B 20 40.92 18.38 0.26
CA GLY B 20 40.16 18.31 1.50
C GLY B 20 39.18 19.46 1.65
N GLU B 21 39.68 20.69 1.47
CA GLU B 21 38.81 21.86 1.60
C GLU B 21 37.50 21.69 0.83
N VAL B 22 37.55 21.01 -0.30
CA VAL B 22 36.39 20.81 -1.17
C VAL B 22 35.60 19.56 -0.78
N PHE B 23 36.30 18.42 -0.71
CA PHE B 23 35.62 17.13 -0.48
C PHE B 23 35.12 16.99 0.94
N ASN B 24 35.78 17.66 1.88
CA ASN B 24 35.51 17.49 3.30
C ASN B 24 34.92 18.75 3.92
N ALA B 25 34.51 19.72 3.11
CA ALA B 25 33.84 20.91 3.64
C ALA B 25 32.62 20.52 4.47
N THR B 26 32.38 21.28 5.53
CA THR B 26 31.24 20.99 6.37
C THR B 26 29.94 21.32 5.65
N ARG B 27 29.91 22.44 4.94
CA ARG B 27 28.73 22.93 4.22
C ARG B 27 28.97 22.86 2.72
N PHE B 28 27.92 22.50 1.97
CA PHE B 28 27.96 22.41 0.52
C PHE B 28 26.96 23.39 -0.08
N ALA B 29 27.26 23.85 -1.30
CA ALA B 29 26.32 24.71 -1.99
C ALA B 29 25.06 23.96 -2.40
N SER B 30 23.98 24.72 -2.62
CA SER B 30 22.85 24.24 -3.41
C SER B 30 23.25 24.13 -4.87
N VAL B 31 22.61 23.19 -5.60
CA VAL B 31 23.00 22.95 -6.98
C VAL B 31 22.65 24.13 -7.88
N TYR B 32 21.55 24.83 -7.60
CA TYR B 32 21.26 26.02 -8.38
C TYR B 32 22.40 27.04 -8.26
N ALA B 33 23.04 27.12 -7.10
CA ALA B 33 24.16 28.05 -6.95
C ALA B 33 25.47 27.29 -6.66
N TRP B 34 25.87 26.42 -7.57
CA TRP B 34 27.01 25.54 -7.32
C TRP B 34 28.30 26.35 -7.17
N ASN B 35 29.17 25.90 -6.25
CA ASN B 35 30.47 26.54 -6.01
C ASN B 35 31.55 25.95 -6.90
N ARG B 36 32.43 26.82 -7.39
CA ARG B 36 33.60 26.41 -8.16
C ARG B 36 34.84 26.85 -7.40
N LYS B 37 35.75 25.93 -7.16
CA LYS B 37 37.05 26.27 -6.59
C LYS B 37 38.12 26.08 -7.65
N ARG B 38 38.94 27.11 -7.85
CA ARG B 38 40.10 26.99 -8.71
C ARG B 38 41.24 26.34 -7.94
N ILE B 39 41.90 25.36 -8.56
CA ILE B 39 43.06 24.69 -7.99
C ILE B 39 44.25 24.95 -8.90
N SER B 40 45.38 25.30 -8.31
CA SER B 40 46.58 25.51 -9.13
C SER B 40 47.81 25.59 -8.23
N ASN B 41 48.96 25.47 -8.87
CA ASN B 41 50.26 25.45 -8.20
C ASN B 41 50.24 24.48 -7.02
N CYS B 42 50.17 23.21 -7.37
CA CYS B 42 50.14 22.18 -6.34
C CYS B 42 50.26 20.81 -6.98
N VAL B 43 50.66 19.83 -6.16
CA VAL B 43 50.74 18.44 -6.58
C VAL B 43 49.43 17.77 -6.20
N ALA B 44 48.89 16.94 -7.10
CA ALA B 44 47.58 16.32 -6.93
C ALA B 44 47.70 14.83 -7.17
N ASP B 45 47.47 14.03 -6.13
CA ASP B 45 47.53 12.57 -6.26
C ASP B 45 46.10 12.07 -6.44
N TYR B 46 45.72 11.83 -7.69
CA TYR B 46 44.36 11.42 -7.99
C TYR B 46 44.11 9.95 -7.67
N SER B 47 45.17 9.14 -7.53
CA SER B 47 44.98 7.78 -7.09
C SER B 47 44.61 7.74 -5.61
N VAL B 48 45.31 8.51 -4.77
CA VAL B 48 44.95 8.54 -3.35
C VAL B 48 43.54 9.06 -3.15
N LEU B 49 43.07 9.93 -4.06
CA LEU B 49 41.69 10.41 -4.00
C LEU B 49 40.70 9.27 -4.26
N TYR B 50 40.85 8.58 -5.39
CA TYR B 50 39.98 7.46 -5.72
C TYR B 50 39.80 6.50 -4.55
N ASN B 51 40.86 6.29 -3.76
CA ASN B 51 40.84 5.37 -2.63
C ASN B 51 40.67 6.05 -1.28
N SER B 52 40.57 7.38 -1.24
CA SER B 52 40.50 8.10 0.04
C SER B 52 39.17 7.91 0.75
N ALA B 53 38.14 7.46 0.05
CA ALA B 53 36.88 7.07 0.66
C ALA B 53 36.18 6.08 -0.25
N SER B 54 34.99 5.64 0.16
CA SER B 54 34.09 4.92 -0.73
C SER B 54 33.12 5.95 -1.32
N PHE B 55 33.31 6.24 -2.60
CA PHE B 55 32.41 7.09 -3.36
C PHE B 55 31.42 6.22 -4.13
N SER B 56 30.13 6.57 -4.05
CA SER B 56 29.15 5.85 -4.85
C SER B 56 29.42 6.03 -6.34
N THR B 57 29.99 7.16 -6.74
CA THR B 57 30.26 7.43 -8.14
C THR B 57 31.65 8.06 -8.27
N PHE B 58 32.46 7.49 -9.14
CA PHE B 58 33.75 8.07 -9.51
C PHE B 58 33.94 7.70 -10.99
N LYS B 59 33.45 8.56 -11.88
CA LYS B 59 33.46 8.29 -13.31
C LYS B 59 34.23 9.40 -14.02
N CYS B 60 35.29 9.03 -14.74
CA CYS B 60 36.10 9.96 -15.52
C CYS B 60 35.85 9.75 -17.00
N TYR B 61 35.89 10.83 -17.77
CA TYR B 61 35.37 10.82 -19.13
C TYR B 61 36.43 11.04 -20.20
N GLY B 62 37.35 11.99 -20.01
CA GLY B 62 38.37 12.13 -21.01
C GLY B 62 39.67 11.40 -20.74
N VAL B 63 39.71 10.55 -19.70
CA VAL B 63 40.95 10.07 -19.11
C VAL B 63 40.64 8.95 -18.14
N SER B 64 41.60 8.70 -17.26
CA SER B 64 41.44 7.75 -16.15
C SER B 64 42.25 8.29 -14.98
N PRO B 65 41.95 7.83 -13.74
CA PRO B 65 42.66 8.35 -12.56
C PRO B 65 44.16 8.05 -12.59
N THR B 66 44.53 6.76 -12.70
CA THR B 66 45.95 6.44 -12.80
C THR B 66 46.62 7.26 -13.90
N LYS B 67 45.89 7.57 -14.98
CA LYS B 67 46.46 8.36 -16.07
C LYS B 67 46.70 9.81 -15.69
N LEU B 68 45.95 10.34 -14.71
CA LEU B 68 46.03 11.76 -14.38
C LEU B 68 47.28 12.14 -13.59
N ASN B 69 47.82 11.21 -12.80
CA ASN B 69 49.09 11.46 -12.11
C ASN B 69 50.24 11.60 -13.09
N ASP B 70 50.05 11.19 -14.34
CA ASP B 70 51.02 11.37 -15.40
C ASP B 70 50.81 12.68 -16.16
N LEU B 71 49.88 13.52 -15.74
CA LEU B 71 49.44 14.66 -16.53
C LEU B 71 49.63 15.96 -15.75
N CYS B 72 49.82 17.05 -16.49
CA CYS B 72 49.91 18.39 -15.93
C CYS B 72 48.83 19.29 -16.53
N PHE B 73 48.30 20.21 -15.73
CA PHE B 73 47.26 21.12 -16.18
C PHE B 73 47.53 22.53 -15.71
N THR B 74 47.03 23.49 -16.49
CA THR B 74 47.13 24.89 -16.09
C THR B 74 46.31 25.15 -14.83
N ASN B 75 45.05 24.72 -14.84
CA ASN B 75 44.17 24.83 -13.68
C ASN B 75 43.29 23.60 -13.61
N VAL B 76 42.86 23.28 -12.38
CA VAL B 76 41.77 22.34 -12.14
C VAL B 76 40.62 23.10 -11.48
N TYR B 77 39.40 22.76 -11.87
CA TYR B 77 38.24 23.41 -11.27
C TYR B 77 37.41 22.34 -10.59
N ALA B 78 36.99 22.61 -9.36
CA ALA B 78 36.22 21.68 -8.55
C ALA B 78 34.87 22.33 -8.28
N ASP B 79 33.84 21.84 -8.95
CA ASP B 79 32.47 22.23 -8.71
C ASP B 79 31.88 21.29 -7.69
N SER B 80 31.09 21.82 -6.77
CA SER B 80 30.49 20.99 -5.73
C SER B 80 29.08 21.48 -5.47
N PHE B 81 28.21 20.55 -5.09
CA PHE B 81 26.80 20.80 -4.79
C PHE B 81 26.17 19.51 -4.28
N VAL B 82 24.91 19.62 -3.85
CA VAL B 82 24.14 18.50 -3.32
C VAL B 82 22.89 18.32 -4.17
N ILE B 83 22.54 17.06 -4.43
CA ILE B 83 21.33 16.73 -5.19
C ILE B 83 20.80 15.41 -4.66
N ARG B 84 19.68 14.95 -5.23
CA ARG B 84 19.16 13.63 -4.88
C ARG B 84 20.00 12.54 -5.54
N GLY B 85 20.02 11.37 -4.90
CA GLY B 85 20.66 10.22 -5.53
C GLY B 85 20.16 9.94 -6.94
N ASP B 86 18.83 9.80 -7.10
CA ASP B 86 18.18 9.52 -8.37
C ASP B 86 18.53 10.56 -9.44
N GLU B 87 19.27 11.63 -9.05
CA GLU B 87 19.67 12.67 -9.99
C GLU B 87 21.17 12.67 -10.30
N VAL B 88 21.98 11.92 -9.56
CA VAL B 88 23.41 11.89 -9.86
C VAL B 88 23.67 11.43 -11.28
N ARG B 89 22.77 10.61 -11.84
CA ARG B 89 22.92 10.19 -13.23
C ARG B 89 22.84 11.37 -14.19
N GLN B 90 22.32 12.52 -13.75
CA GLN B 90 22.27 13.68 -14.63
C GLN B 90 23.59 14.45 -14.73
N ILE B 91 24.55 14.20 -13.84
CA ILE B 91 25.82 14.93 -13.85
C ILE B 91 26.76 14.13 -14.74
N ALA B 92 26.49 14.20 -16.05
CA ALA B 92 27.19 13.46 -17.08
C ALA B 92 26.88 14.13 -18.42
N PRO B 93 27.77 14.04 -19.39
CA PRO B 93 27.52 14.75 -20.65
C PRO B 93 26.38 14.09 -21.39
N GLY B 94 25.61 14.91 -22.10
CA GLY B 94 24.47 14.45 -22.89
C GLY B 94 23.19 14.14 -22.12
N GLN B 95 23.18 14.30 -20.80
CA GLN B 95 21.98 14.02 -20.03
C GLN B 95 20.97 15.16 -20.14
N THR B 96 19.71 14.85 -19.81
CA THR B 96 18.64 15.83 -19.68
C THR B 96 17.89 15.62 -18.37
N GLY B 97 17.00 16.54 -18.06
CA GLY B 97 16.28 16.53 -16.80
C GLY B 97 16.49 17.81 -16.01
N LYS B 98 15.74 17.91 -14.91
CA LYS B 98 15.70 19.15 -14.14
C LYS B 98 17.11 19.66 -13.81
N ILE B 99 17.97 18.79 -13.27
CA ILE B 99 19.28 19.25 -12.84
C ILE B 99 20.16 19.62 -14.05
N ALA B 100 20.31 18.72 -15.01
CA ALA B 100 21.20 19.02 -16.14
C ALA B 100 20.66 20.16 -17.00
N ASP B 101 19.35 20.37 -17.01
CA ASP B 101 18.78 21.36 -17.90
C ASP B 101 18.78 22.75 -17.26
N TYR B 102 18.48 22.82 -15.95
CA TYR B 102 18.22 24.08 -15.28
C TYR B 102 19.23 24.46 -14.20
N ASN B 103 20.11 23.56 -13.79
CA ASN B 103 21.00 23.83 -12.66
C ASN B 103 22.48 23.69 -13.02
N TYR B 104 22.89 22.59 -13.64
CA TYR B 104 24.29 22.30 -13.82
C TYR B 104 24.46 21.44 -15.07
N LYS B 105 25.11 21.99 -16.09
CA LYS B 105 25.19 21.35 -17.40
C LYS B 105 26.64 21.10 -17.75
N LEU B 106 27.02 19.80 -17.86
CA LEU B 106 28.32 19.41 -18.41
C LEU B 106 28.29 19.47 -19.94
N PRO B 107 29.39 19.85 -20.57
CA PRO B 107 29.43 19.91 -22.04
C PRO B 107 29.51 18.51 -22.65
N ASP B 108 29.14 18.43 -23.93
CA ASP B 108 29.18 17.13 -24.60
C ASP B 108 30.61 16.59 -24.69
N ASP B 109 31.58 17.48 -24.95
CA ASP B 109 32.99 17.08 -25.05
C ASP B 109 33.69 17.10 -23.70
N PHE B 110 33.00 16.74 -22.62
CA PHE B 110 33.54 16.93 -21.27
C PHE B 110 34.69 15.97 -21.01
N THR B 111 35.81 16.49 -20.53
CA THR B 111 36.92 15.67 -20.04
C THR B 111 37.20 16.10 -18.61
N GLY B 112 37.09 15.15 -17.69
CA GLY B 112 37.05 15.45 -16.28
C GLY B 112 36.31 14.35 -15.55
N CYS B 113 36.27 14.46 -14.22
CA CYS B 113 35.70 13.42 -13.39
C CYS B 113 34.49 13.93 -12.62
N VAL B 114 33.48 13.07 -12.48
CA VAL B 114 32.31 13.31 -11.63
C VAL B 114 32.40 12.36 -10.45
N ILE B 115 32.33 12.90 -9.25
CA ILE B 115 32.43 12.12 -8.01
C ILE B 115 31.23 12.45 -7.14
N ALA B 116 30.71 11.43 -6.44
CA ALA B 116 29.55 11.63 -5.59
C ALA B 116 29.55 10.60 -4.48
N TRP B 117 28.98 10.97 -3.33
CA TRP B 117 28.82 10.04 -2.23
C TRP B 117 27.55 10.38 -1.48
N ASN B 118 27.06 9.40 -0.73
CA ASN B 118 25.84 9.57 0.06
C ASN B 118 26.11 10.48 1.25
N SER B 119 25.31 11.53 1.38
CA SER B 119 25.47 12.49 2.47
C SER B 119 24.28 12.50 3.41
N ASN B 120 23.49 11.41 3.41
CA ASN B 120 22.31 11.34 4.27
C ASN B 120 22.64 11.66 5.72
N ASN B 121 23.80 11.19 6.20
CA ASN B 121 24.15 11.39 7.59
C ASN B 121 24.57 12.82 7.88
N LEU B 122 24.98 13.60 6.88
CA LEU B 122 25.34 15.01 7.10
C LEU B 122 24.23 15.99 6.77
N ASP B 123 23.36 15.63 5.81
CA ASP B 123 22.49 16.60 5.17
C ASP B 123 21.01 16.32 5.34
N SER B 124 20.63 15.23 6.03
CA SER B 124 19.24 15.00 6.46
C SER B 124 19.05 15.42 7.91
N LYS B 125 17.78 15.63 8.26
CA LYS B 125 17.41 16.07 9.59
C LYS B 125 15.99 15.56 9.86
N VAL B 126 15.75 15.03 11.07
CA VAL B 126 14.38 14.69 11.41
C VAL B 126 13.51 15.94 11.27
N GLY B 127 12.34 15.78 10.69
CA GLY B 127 11.56 16.92 10.24
C GLY B 127 11.88 17.25 8.81
N GLY B 128 13.15 17.15 8.47
CA GLY B 128 13.68 17.42 7.14
C GLY B 128 14.54 18.67 7.13
N ASN B 129 15.63 18.60 6.38
CA ASN B 129 16.42 19.76 6.02
C ASN B 129 15.92 20.28 4.68
N TYR B 130 15.56 21.57 4.64
CA TYR B 130 15.05 22.23 3.44
C TYR B 130 15.97 23.34 2.92
N ASN B 131 17.20 23.42 3.40
CA ASN B 131 18.05 24.54 3.00
C ASN B 131 18.63 24.40 1.60
N TYR B 132 18.75 23.18 1.06
CA TYR B 132 19.21 22.95 -0.30
C TYR B 132 18.09 23.19 -1.31
N LEU B 133 18.36 24.02 -2.31
CA LEU B 133 17.40 24.30 -3.36
C LEU B 133 17.86 23.74 -4.70
N TYR B 134 16.88 23.58 -5.59
CA TYR B 134 17.12 23.32 -7.00
C TYR B 134 16.19 24.19 -7.82
N ARG B 135 16.59 24.47 -9.06
CA ARG B 135 15.70 25.21 -9.95
C ARG B 135 14.72 24.25 -10.60
N LEU B 136 13.43 24.55 -10.45
CA LEU B 136 12.35 23.72 -11.02
C LEU B 136 11.99 24.12 -12.45
N PHE B 137 11.97 25.42 -12.75
CA PHE B 137 11.53 25.95 -14.03
C PHE B 137 12.57 26.90 -14.61
N ARG B 138 12.73 26.83 -15.93
CA ARG B 138 13.51 27.79 -16.67
C ARG B 138 12.90 27.91 -18.06
N LYS B 139 13.01 29.10 -18.68
CA LYS B 139 12.49 29.27 -20.03
C LYS B 139 13.34 28.58 -21.11
N SER B 140 14.56 28.17 -20.80
CA SER B 140 15.38 27.41 -21.74
C SER B 140 16.51 26.77 -20.96
N ASN B 141 17.34 26.02 -21.67
CA ASN B 141 18.36 25.21 -21.01
C ASN B 141 19.66 25.99 -20.80
N LEU B 142 20.26 25.80 -19.63
CA LEU B 142 21.61 26.31 -19.39
C LEU B 142 22.55 25.77 -20.47
N LYS B 143 23.39 26.64 -21.00
CA LYS B 143 24.52 26.18 -21.77
C LYS B 143 25.59 25.68 -20.80
N PRO B 144 26.54 24.85 -21.24
CA PRO B 144 27.38 24.13 -20.27
C PRO B 144 28.14 25.08 -19.36
N PHE B 145 28.18 24.72 -18.07
CA PHE B 145 28.87 25.44 -16.99
C PHE B 145 28.28 26.81 -16.66
N GLU B 146 27.13 27.16 -17.22
CA GLU B 146 26.49 28.37 -16.74
C GLU B 146 25.87 28.11 -15.37
N ARG B 147 25.54 29.21 -14.69
CA ARG B 147 25.07 29.23 -13.32
C ARG B 147 24.03 30.33 -13.26
N ASP B 148 22.82 29.97 -12.84
CA ASP B 148 21.67 30.88 -12.85
C ASP B 148 21.18 31.01 -11.41
N ILE B 149 21.40 32.17 -10.80
CA ILE B 149 20.92 32.41 -9.44
C ILE B 149 19.77 33.43 -9.42
N SER B 150 19.07 33.55 -10.54
CA SER B 150 17.96 34.47 -10.71
C SER B 150 16.76 34.01 -9.89
N THR B 151 15.94 34.96 -9.45
CA THR B 151 14.76 34.66 -8.65
C THR B 151 13.49 35.13 -9.33
N GLU B 152 13.52 35.38 -10.63
CA GLU B 152 12.34 35.94 -11.30
C GLU B 152 11.23 34.90 -11.35
N ILE B 153 10.00 35.38 -11.18
CA ILE B 153 8.85 34.49 -11.27
C ILE B 153 8.77 33.89 -12.68
N TYR B 154 8.55 32.58 -12.74
CA TYR B 154 8.38 31.88 -14.01
C TYR B 154 6.95 32.02 -14.51
N GLN B 155 6.80 32.55 -15.73
CA GLN B 155 5.50 32.92 -16.31
C GLN B 155 4.99 31.81 -17.24
N ALA B 156 4.09 30.98 -16.74
CA ALA B 156 3.57 29.86 -17.53
C ALA B 156 2.36 30.29 -18.36
N GLY B 157 2.62 31.19 -19.29
CA GLY B 157 1.55 31.71 -20.11
C GLY B 157 1.91 33.09 -20.62
N SER B 158 0.89 33.82 -21.05
CA SER B 158 1.11 35.17 -21.54
C SER B 158 0.61 36.24 -20.60
N THR B 159 -0.20 35.89 -19.62
CA THR B 159 -0.55 36.83 -18.55
C THR B 159 0.69 37.09 -17.71
N PRO B 160 1.14 38.34 -17.59
CA PRO B 160 2.42 38.61 -16.90
C PRO B 160 2.29 38.53 -15.39
N CYS B 161 3.40 38.15 -14.76
CA CYS B 161 3.38 37.86 -13.33
C CYS B 161 3.66 39.08 -12.48
N ASN B 162 4.56 39.95 -12.94
CA ASN B 162 4.95 41.14 -12.18
C ASN B 162 5.39 40.74 -10.77
N GLY B 163 6.42 39.89 -10.73
CA GLY B 163 7.18 39.63 -9.52
C GLY B 163 6.42 39.01 -8.37
N VAL B 164 5.24 38.44 -8.60
CA VAL B 164 4.47 37.78 -7.57
C VAL B 164 4.03 36.40 -8.03
N GLU B 165 3.96 35.45 -7.10
CA GLU B 165 3.43 34.13 -7.40
C GLU B 165 1.91 34.18 -7.56
N GLY B 166 1.38 33.18 -8.25
CA GLY B 166 -0.06 33.13 -8.48
C GLY B 166 -0.44 32.09 -9.52
N PHE B 167 -1.55 32.35 -10.21
CA PHE B 167 -1.99 31.48 -11.28
C PHE B 167 -1.00 31.55 -12.45
N ASN B 168 -0.56 30.37 -12.91
CA ASN B 168 0.45 30.26 -13.96
C ASN B 168 1.67 31.14 -13.67
N CYS B 169 2.00 31.30 -12.38
CA CYS B 169 3.10 32.15 -11.95
C CYS B 169 3.76 31.47 -10.77
N TYR B 170 4.98 30.98 -10.97
CA TYR B 170 5.64 30.11 -10.00
C TYR B 170 7.03 30.63 -9.64
N PHE B 171 7.33 30.64 -8.35
CA PHE B 171 8.71 30.91 -7.93
C PHE B 171 9.58 29.74 -8.39
N PRO B 172 10.72 30.00 -9.04
CA PRO B 172 11.41 28.90 -9.74
C PRO B 172 12.28 28.04 -8.85
N LEU B 173 12.60 28.45 -7.64
CA LEU B 173 13.47 27.66 -6.77
C LEU B 173 12.65 26.95 -5.70
N GLN B 174 12.93 25.67 -5.53
CA GLN B 174 12.20 24.79 -4.63
C GLN B 174 13.20 24.12 -3.69
N SER B 175 12.68 23.65 -2.55
CA SER B 175 13.51 22.95 -1.57
C SER B 175 13.45 21.47 -1.85
N TYR B 176 14.61 20.84 -1.91
CA TYR B 176 14.65 19.45 -1.52
C TYR B 176 14.12 19.34 -0.10
N GLY B 177 13.57 18.18 0.21
CA GLY B 177 13.35 17.83 1.59
C GLY B 177 14.15 16.58 1.88
N PHE B 178 15.08 16.66 2.82
CA PHE B 178 15.92 15.52 3.15
C PHE B 178 15.57 15.06 4.56
N GLN B 179 14.86 13.91 4.64
CA GLN B 179 14.58 13.25 5.90
C GLN B 179 15.40 11.98 5.98
N PRO B 180 15.93 11.63 7.16
CA PRO B 180 16.86 10.49 7.24
C PRO B 180 16.25 9.19 6.79
N THR B 181 14.93 9.10 6.82
CA THR B 181 14.22 7.87 6.45
C THR B 181 13.91 7.69 4.96
N ASN B 182 14.19 8.71 4.14
CA ASN B 182 13.89 8.60 2.72
C ASN B 182 14.63 7.40 2.12
N GLY B 183 14.05 6.83 1.07
CA GLY B 183 14.77 5.87 0.26
C GLY B 183 16.01 6.46 -0.40
N VAL B 184 16.89 5.56 -0.83
CA VAL B 184 18.21 5.96 -1.31
C VAL B 184 18.09 6.98 -2.46
N GLY B 185 17.11 6.79 -3.34
CA GLY B 185 16.98 7.71 -4.46
C GLY B 185 16.64 9.11 -4.01
N TYR B 186 16.01 9.24 -2.85
CA TYR B 186 15.57 10.53 -2.36
C TYR B 186 16.56 11.18 -1.40
N GLN B 187 17.60 10.46 -0.97
CA GLN B 187 18.59 10.95 -0.03
C GLN B 187 19.54 11.92 -0.71
N PRO B 188 20.17 12.80 0.08
CA PRO B 188 21.14 13.74 -0.47
C PRO B 188 22.47 13.06 -0.80
N TYR B 189 23.01 13.42 -1.96
CA TYR B 189 24.34 13.02 -2.37
C TYR B 189 25.16 14.28 -2.59
N ARG B 190 26.40 14.25 -2.12
CA ARG B 190 27.34 15.34 -2.40
C ARG B 190 28.12 15.02 -3.67
N VAL B 191 28.30 16.03 -4.51
CA VAL B 191 28.92 15.87 -5.83
C VAL B 191 30.11 16.80 -5.95
N VAL B 192 31.18 16.30 -6.56
CA VAL B 192 32.32 17.11 -6.97
C VAL B 192 32.60 16.83 -8.43
N VAL B 193 32.68 17.88 -9.24
CA VAL B 193 33.05 17.77 -10.64
C VAL B 193 34.40 18.42 -10.83
N LEU B 194 35.34 17.69 -11.43
CA LEU B 194 36.70 18.13 -11.70
C LEU B 194 36.88 18.35 -13.20
N SER B 195 37.08 19.61 -13.59
CA SER B 195 37.46 19.98 -14.95
C SER B 195 38.97 20.22 -15.00
N PHE B 196 39.60 19.85 -16.11
CA PHE B 196 41.04 20.01 -16.28
C PHE B 196 41.30 20.96 -17.43
N GLU B 197 41.86 22.12 -17.12
CA GLU B 197 42.08 23.15 -18.11
C GLU B 197 43.53 23.14 -18.58
N LEU B 198 43.74 23.07 -19.89
CA LEU B 198 45.08 23.20 -20.46
C LEU B 198 45.09 24.43 -21.36
N LEU B 199 45.82 25.46 -20.93
CA LEU B 199 45.96 26.70 -21.65
C LEU B 199 47.40 26.88 -22.11
N HIS B 200 47.60 27.78 -23.06
CA HIS B 200 48.93 28.07 -23.57
C HIS B 200 49.68 28.87 -22.50
N ALA B 201 50.07 28.16 -21.44
CA ALA B 201 50.74 28.72 -20.27
C ALA B 201 51.25 27.55 -19.43
N PRO B 202 52.12 27.81 -18.45
CA PRO B 202 52.71 26.71 -17.69
C PRO B 202 51.66 25.87 -16.95
N ALA B 203 51.75 24.57 -17.12
CA ALA B 203 51.04 23.65 -16.24
C ALA B 203 51.50 23.88 -14.80
N THR B 204 50.56 24.19 -13.92
CA THR B 204 50.87 24.47 -12.53
C THR B 204 50.30 23.44 -11.56
N VAL B 205 49.55 22.44 -12.04
CA VAL B 205 49.03 21.40 -11.18
C VAL B 205 49.29 20.07 -11.86
N CYS B 206 50.08 19.22 -11.21
CA CYS B 206 50.64 18.00 -11.78
C CYS B 206 50.48 16.84 -10.79
N GLY B 207 50.62 15.62 -11.30
CA GLY B 207 50.73 14.45 -10.45
C GLY B 207 52.18 14.21 -10.09
N PRO B 208 52.45 13.19 -9.25
CA PRO B 208 53.84 12.84 -8.93
C PRO B 208 54.55 12.07 -10.04
#